data_6NW3
#
_entry.id   6NW3
#
_cell.length_a   81.455
_cell.length_b   102.356
_cell.length_c   99.513
_cell.angle_alpha   90.00
_cell.angle_beta   105.01
_cell.angle_gamma   90.00
#
_symmetry.space_group_name_H-M   'P 1 21 1'
#
loop_
_entity.id
_entity.type
_entity.pdbx_description
1 polymer 'Beta-secretase 1'
2 non-polymer N-(2-methylpropyl)-N~2~-{[(4S)-17-[(methylsulfonyl)(propyl)amino]-2-oxo-3-azatricyclo[13.3.1.1~6,10~]icosa-1(19),6(20),7,9,15,17-hexaen-4-yl]methyl}-L-norleucinamide
3 non-polymer 'SULFATE ION'
4 water water
#
_entity_poly.entity_id   1
_entity_poly.type   'polypeptide(L)'
_entity_poly.pdbx_seq_one_letter_code
;GSFVEMVDNLRGKSGQGYYVEMTVGSPPQTLNILVDTGSSNFAVGAAPHPFLHRYYQRQLSSTYRDLRKGVYVPYTQGKW
EGELGTDLVSIPHGPNVTVRANIAAITESDKFFINGSNWEGILGLAYAEIARPDDSLEPFFDSLVKQTHVPNLFSLQLCG
AGFPLNQSEVLASVGGSMIIGGIDHSLYTGSLWYTPIRREWYYEVIIVRVEINGQDLKMDCKEYNYDKSIVDSGTTNLRL
PKKVFEAAVKSIKAASSTEKFPDGFWLGEQLVCWQAGTTPWNIFPVISLYLMGEVTNQSFRITILPQQYLRPVEDVATSQ
DDCYKFAISQSSTGTVMGAVIMEGFYVVFDRARKRIGFAVSACHVHDEFRTAAVEGPFVTLDMEDCGYNI
;
_entity_poly.pdbx_strand_id   A,B,C
#
loop_
_chem_comp.id
_chem_comp.type
_chem_comp.name
_chem_comp.formula
L4J non-polymer N-(2-methylpropyl)-N~2~-{[(4S)-17-[(methylsulfonyl)(propyl)amino]-2-oxo-3-azatricyclo[13.3.1.1~6,10~]icosa-1(19),6(20),7,9,15,17-hexaen-4-yl]methyl}-L-norleucinamide 'C34 H52 N4 O4 S'
SO4 non-polymer 'SULFATE ION' 'O4 S -2'
#
# COMPACT_ATOMS: atom_id res chain seq x y z
N SER A 2 24.88 -9.20 -53.59
CA SER A 2 24.31 -8.09 -52.85
C SER A 2 24.18 -8.44 -51.37
N PHE A 3 23.42 -9.50 -51.10
CA PHE A 3 23.20 -9.94 -49.72
C PHE A 3 23.91 -11.25 -49.38
N VAL A 4 24.63 -11.84 -50.34
CA VAL A 4 25.25 -13.13 -50.11
C VAL A 4 26.28 -13.06 -48.98
N GLU A 5 26.86 -11.87 -48.79
CA GLU A 5 27.86 -11.67 -47.74
C GLU A 5 27.24 -11.75 -46.35
N MET A 6 25.91 -11.64 -46.28
CA MET A 6 25.23 -11.63 -44.99
C MET A 6 24.56 -12.96 -44.67
N VAL A 7 24.57 -13.90 -45.60
CA VAL A 7 23.98 -15.20 -45.34
C VAL A 7 24.85 -15.94 -44.33
N ASP A 8 24.21 -16.61 -43.39
CA ASP A 8 24.90 -17.37 -42.33
C ASP A 8 25.74 -16.49 -41.41
N ASN A 9 25.33 -15.25 -41.18
CA ASN A 9 26.10 -14.37 -40.29
C ASN A 9 25.64 -14.47 -38.84
N LEU A 10 24.74 -15.39 -38.56
CA LEU A 10 24.24 -15.58 -37.20
C LEU A 10 24.69 -16.92 -36.63
N ARG A 11 25.12 -16.90 -35.37
CA ARG A 11 25.51 -18.11 -34.65
C ARG A 11 24.81 -18.11 -33.30
N GLY A 12 24.89 -19.24 -32.58
CA GLY A 12 24.31 -19.29 -31.26
C GLY A 12 24.24 -20.68 -30.65
N LYS A 13 23.85 -20.73 -29.37
CA LYS A 13 23.56 -21.99 -28.72
C LYS A 13 22.08 -22.05 -28.43
N SER A 14 21.51 -23.24 -28.50
CA SER A 14 20.08 -23.44 -28.35
C SER A 14 19.57 -22.87 -27.03
N GLY A 15 18.52 -22.05 -27.11
CA GLY A 15 17.92 -21.46 -25.93
C GLY A 15 18.69 -20.27 -25.37
N GLN A 16 19.74 -19.84 -26.08
CA GLN A 16 20.60 -18.77 -25.59
C GLN A 16 20.71 -17.61 -26.59
N GLY A 17 19.79 -17.56 -27.55
CA GLY A 17 19.71 -16.46 -28.50
C GLY A 17 20.66 -16.56 -29.68
N TYR A 18 20.43 -15.72 -30.69
CA TYR A 18 21.27 -15.65 -31.88
C TYR A 18 22.10 -14.36 -31.86
N TYR A 19 23.37 -14.45 -32.25
CA TYR A 19 24.21 -13.26 -32.26
C TYR A 19 24.90 -13.03 -33.60
N VAL A 20 25.19 -11.75 -33.88
CA VAL A 20 25.92 -11.36 -35.06
C VAL A 20 27.22 -10.70 -34.63
N GLU A 21 28.25 -10.77 -35.48
CA GLU A 21 29.52 -10.14 -35.18
C GLU A 21 29.46 -8.64 -35.49
N MET A 22 29.89 -7.83 -34.53
CA MET A 22 29.96 -6.39 -34.72
C MET A 22 31.32 -5.88 -34.26
N THR A 23 31.66 -4.67 -34.67
CA THR A 23 32.83 -3.99 -34.14
C THR A 23 32.42 -2.63 -33.60
N VAL A 24 33.03 -2.22 -32.49
CA VAL A 24 32.79 -0.91 -31.93
C VAL A 24 34.10 -0.19 -31.64
N GLY A 25 34.10 1.12 -31.83
CA GLY A 25 35.24 1.93 -31.47
C GLY A 25 36.31 2.07 -32.54
N SER A 26 37.25 2.98 -32.28
CA SER A 26 38.40 3.17 -33.16
C SER A 26 39.69 3.08 -32.34
N PRO A 27 40.53 2.07 -32.60
CA PRO A 27 40.36 1.01 -33.61
C PRO A 27 39.25 0.03 -33.24
N PRO A 28 38.70 -0.69 -34.24
CA PRO A 28 37.53 -1.56 -34.01
C PRO A 28 37.77 -2.67 -33.00
N GLN A 29 36.82 -2.83 -32.08
CA GLN A 29 36.84 -3.92 -31.12
C GLN A 29 35.75 -4.92 -31.49
N THR A 30 36.12 -6.17 -31.68
CA THR A 30 35.18 -7.19 -32.16
C THR A 30 34.39 -7.80 -31.00
N LEU A 31 33.07 -7.81 -31.14
CA LEU A 31 32.20 -8.40 -30.12
C LEU A 31 31.08 -9.19 -30.79
N ASN A 32 30.60 -10.23 -30.11
CA ASN A 32 29.43 -10.97 -30.57
C ASN A 32 28.16 -10.39 -29.94
N ILE A 33 27.26 -9.92 -30.79
CA ILE A 33 26.09 -9.16 -30.33
C ILE A 33 24.77 -9.85 -30.61
N LEU A 34 24.01 -10.06 -29.54
CA LEU A 34 22.70 -10.68 -29.60
C LEU A 34 21.70 -9.91 -30.48
N VAL A 35 20.98 -10.63 -31.32
CA VAL A 35 19.98 -10.01 -32.20
C VAL A 35 18.60 -10.10 -31.56
N ASP A 36 18.05 -8.96 -31.14
CA ASP A 36 16.82 -8.94 -30.36
C ASP A 36 15.77 -7.96 -30.89
N THR A 37 14.70 -8.50 -31.48
CA THR A 37 13.62 -7.66 -31.97
C THR A 37 12.63 -7.32 -30.85
N GLY A 38 12.92 -7.78 -29.63
CA GLY A 38 12.05 -7.53 -28.50
C GLY A 38 12.47 -6.35 -27.64
N SER A 39 13.53 -5.66 -28.02
CA SER A 39 13.99 -4.47 -27.31
C SER A 39 14.58 -3.48 -28.31
N SER A 40 15.06 -2.34 -27.80
CA SER A 40 15.52 -1.27 -28.68
C SER A 40 16.82 -0.61 -28.21
N ASN A 41 17.49 -1.25 -27.25
CA ASN A 41 18.75 -0.71 -26.72
C ASN A 41 19.95 -1.50 -27.24
N PHE A 42 20.96 -0.77 -27.68
CA PHE A 42 22.23 -1.37 -28.05
C PHE A 42 23.18 -1.30 -26.85
N ALA A 43 23.58 -2.45 -26.33
CA ALA A 43 24.41 -2.48 -25.14
C ALA A 43 25.44 -3.61 -25.20
N VAL A 44 26.60 -3.35 -24.61
CA VAL A 44 27.68 -4.33 -24.60
C VAL A 44 28.32 -4.39 -23.23
N GLY A 45 28.85 -5.55 -22.87
CA GLY A 45 29.62 -5.67 -21.64
C GLY A 45 30.82 -4.74 -21.74
N ALA A 46 31.01 -3.91 -20.72
CA ALA A 46 32.08 -2.93 -20.74
C ALA A 46 32.93 -3.02 -19.48
N ALA A 47 32.79 -4.13 -18.77
CA ALA A 47 33.51 -4.37 -17.53
C ALA A 47 33.68 -5.86 -17.34
N PRO A 48 34.68 -6.27 -16.55
CA PRO A 48 34.91 -7.70 -16.32
C PRO A 48 33.71 -8.43 -15.72
N HIS A 49 33.45 -9.63 -16.22
CA HIS A 49 32.35 -10.46 -15.72
C HIS A 49 32.75 -11.93 -15.87
N PRO A 50 32.33 -12.78 -14.93
CA PRO A 50 32.69 -14.21 -14.97
C PRO A 50 32.32 -14.91 -16.27
N PHE A 51 31.25 -14.48 -16.93
CA PHE A 51 30.77 -15.16 -18.13
C PHE A 51 31.22 -14.50 -19.43
N LEU A 52 31.96 -13.40 -19.32
CA LEU A 52 32.40 -12.67 -20.51
C LEU A 52 33.83 -13.03 -20.93
N HIS A 53 33.97 -13.51 -22.16
CA HIS A 53 35.30 -13.77 -22.73
C HIS A 53 36.03 -12.46 -22.96
N ARG A 54 35.28 -11.46 -23.43
CA ARG A 54 35.83 -10.16 -23.79
C ARG A 54 34.81 -9.09 -23.50
N TYR A 55 35.22 -7.82 -23.51
CA TYR A 55 34.27 -6.74 -23.33
C TYR A 55 34.77 -5.44 -23.94
N TYR A 56 33.84 -4.48 -24.04
CA TYR A 56 34.09 -3.19 -24.64
C TYR A 56 34.92 -2.30 -23.72
N GLN A 57 36.07 -1.86 -24.21
CA GLN A 57 36.95 -0.99 -23.43
C GLN A 57 36.90 0.42 -24.01
N ARG A 58 36.05 1.26 -23.40
CA ARG A 58 35.84 2.63 -23.86
C ARG A 58 37.15 3.42 -23.89
N GLN A 59 38.04 3.10 -22.96
CA GLN A 59 39.33 3.77 -22.83
C GLN A 59 40.20 3.61 -24.07
N LEU A 60 40.04 2.51 -24.79
CA LEU A 60 40.87 2.22 -25.97
C LEU A 60 40.28 2.73 -27.27
N SER A 61 39.20 3.50 -27.19
CA SER A 61 38.56 4.01 -28.40
C SER A 61 38.67 5.53 -28.49
N SER A 62 39.31 6.01 -29.56
CA SER A 62 39.50 7.44 -29.77
C SER A 62 38.17 8.11 -30.08
N THR A 63 37.24 7.35 -30.66
CA THR A 63 35.97 7.89 -31.11
C THR A 63 34.85 7.82 -30.07
N TYR A 64 35.13 7.23 -28.91
CA TYR A 64 34.11 7.13 -27.86
C TYR A 64 33.74 8.50 -27.30
N ARG A 65 32.44 8.71 -27.09
CA ARG A 65 31.94 9.92 -26.47
C ARG A 65 31.04 9.54 -25.30
N ASP A 66 31.17 10.25 -24.18
CA ASP A 66 30.33 9.96 -23.02
C ASP A 66 29.10 10.86 -23.05
N LEU A 67 27.94 10.26 -22.82
CA LEU A 67 26.68 11.01 -22.81
C LEU A 67 26.33 11.46 -21.40
N ARG A 68 27.10 10.99 -20.43
CA ARG A 68 26.95 11.37 -19.02
C ARG A 68 25.55 11.12 -18.48
N LYS A 69 24.95 10.00 -18.89
CA LYS A 69 23.67 9.56 -18.34
C LYS A 69 23.70 8.06 -18.06
N GLY A 70 23.03 7.64 -16.99
CA GLY A 70 22.91 6.23 -16.68
C GLY A 70 21.71 5.60 -17.37
N VAL A 71 21.67 4.27 -17.37
CA VAL A 71 20.55 3.55 -17.96
C VAL A 71 20.47 2.11 -17.46
N TYR A 72 19.24 1.61 -17.31
CA TYR A 72 19.00 0.20 -16.99
C TYR A 72 17.92 -0.35 -17.91
N VAL A 73 18.04 -1.62 -18.30
CA VAL A 73 17.00 -2.27 -19.07
C VAL A 73 16.62 -3.59 -18.42
N PRO A 74 15.33 -3.74 -18.08
CA PRO A 74 14.85 -5.03 -17.56
C PRO A 74 14.25 -5.90 -18.65
N TYR A 75 14.67 -7.15 -18.71
CA TYR A 75 14.13 -8.10 -19.68
C TYR A 75 13.34 -9.15 -18.95
N THR A 76 12.60 -9.98 -19.68
CA THR A 76 11.87 -11.07 -19.06
C THR A 76 12.87 -12.01 -18.37
N GLN A 77 14.02 -12.18 -19.00
CA GLN A 77 15.14 -12.89 -18.39
C GLN A 77 16.34 -11.98 -18.30
N GLY A 78 16.75 -11.64 -17.08
CA GLY A 78 17.94 -10.84 -16.86
C GLY A 78 17.71 -9.35 -16.96
N LYS A 79 18.70 -8.59 -16.53
CA LYS A 79 18.65 -7.14 -16.54
C LYS A 79 20.05 -6.59 -16.30
N TRP A 80 20.31 -5.40 -16.82
CA TRP A 80 21.60 -4.77 -16.64
C TRP A 80 21.46 -3.28 -16.46
N GLU A 81 22.50 -2.64 -15.92
CA GLU A 81 22.58 -1.19 -15.92
C GLU A 81 23.95 -0.76 -16.43
N GLY A 82 24.02 0.45 -16.96
CA GLY A 82 25.26 0.93 -17.54
C GLY A 82 25.29 2.42 -17.80
N GLU A 83 26.34 2.85 -18.51
CA GLU A 83 26.55 4.25 -18.86
C GLU A 83 26.30 4.48 -20.35
N LEU A 84 25.49 5.50 -20.67
CA LEU A 84 25.22 5.85 -22.06
C LEU A 84 26.34 6.63 -22.72
N GLY A 85 26.60 6.31 -23.98
CA GLY A 85 27.62 6.98 -24.77
C GLY A 85 27.39 6.71 -26.25
N THR A 86 28.29 7.21 -27.09
CA THR A 86 28.21 6.95 -28.53
C THR A 86 29.58 6.56 -29.06
N ASP A 87 29.58 5.76 -30.11
CA ASP A 87 30.82 5.33 -30.75
C ASP A 87 30.54 4.85 -32.16
N LEU A 88 31.60 4.61 -32.93
CA LEU A 88 31.44 4.13 -34.29
C LEU A 88 31.23 2.62 -34.27
N VAL A 89 30.26 2.17 -35.06
CA VAL A 89 29.89 0.76 -35.08
C VAL A 89 29.89 0.23 -36.51
N SER A 90 30.35 -1.01 -36.67
CA SER A 90 30.31 -1.67 -37.96
C SER A 90 29.83 -3.11 -37.83
N ILE A 91 29.36 -3.67 -38.94
CA ILE A 91 28.98 -5.07 -39.01
C ILE A 91 29.79 -5.71 -40.12
N PRO A 92 30.85 -6.45 -39.76
CA PRO A 92 31.76 -7.10 -40.72
C PRO A 92 31.01 -7.89 -41.79
N HIS A 93 30.16 -8.81 -41.37
CA HIS A 93 29.35 -9.58 -42.32
C HIS A 93 27.98 -8.93 -42.49
N GLY A 94 28.02 -7.62 -42.74
CA GLY A 94 26.82 -6.85 -43.00
C GLY A 94 27.11 -5.83 -44.08
N PRO A 95 26.35 -4.74 -44.11
CA PRO A 95 26.57 -3.65 -45.07
C PRO A 95 27.90 -2.95 -44.84
N ASN A 96 28.55 -2.55 -45.94
CA ASN A 96 29.84 -1.88 -45.85
C ASN A 96 29.69 -0.43 -45.41
N VAL A 97 29.30 -0.24 -44.16
CA VAL A 97 29.11 1.11 -43.62
C VAL A 97 29.62 1.22 -42.19
N THR A 98 29.82 2.45 -41.74
CA THR A 98 30.16 2.72 -40.35
C THR A 98 29.27 3.83 -39.84
N VAL A 99 28.60 3.60 -38.71
CA VAL A 99 27.71 4.61 -38.15
C VAL A 99 28.09 4.97 -36.73
N ARG A 100 27.73 6.19 -36.33
CA ARG A 100 27.84 6.56 -34.93
C ARG A 100 26.51 6.24 -34.27
N ALA A 101 26.56 5.36 -33.26
CA ALA A 101 25.34 4.91 -32.63
C ALA A 101 25.42 5.01 -31.12
N ASN A 102 24.26 5.12 -30.48
CA ASN A 102 24.19 5.06 -29.04
C ASN A 102 24.61 3.69 -28.54
N ILE A 103 25.46 3.68 -27.51
CA ILE A 103 25.92 2.45 -26.91
C ILE A 103 25.81 2.53 -25.39
N ALA A 104 25.21 1.51 -24.80
CA ALA A 104 25.16 1.41 -23.35
C ALA A 104 26.30 0.52 -22.88
N ALA A 105 27.19 1.09 -22.09
CA ALA A 105 28.32 0.38 -21.55
C ALA A 105 27.91 -0.34 -20.27
N ILE A 106 27.62 -1.63 -20.38
CA ILE A 106 27.14 -2.40 -19.23
C ILE A 106 28.19 -2.54 -18.13
N THR A 107 27.88 -2.03 -16.95
CA THR A 107 28.78 -2.08 -15.80
C THR A 107 28.27 -3.02 -14.71
N GLU A 108 26.97 -3.26 -14.66
CA GLU A 108 26.43 -4.19 -13.69
C GLU A 108 25.30 -4.99 -14.35
N SER A 109 25.13 -6.24 -13.94
CA SER A 109 24.10 -7.09 -14.53
C SER A 109 23.63 -8.20 -13.60
N ASP A 110 22.42 -8.68 -13.83
CA ASP A 110 21.85 -9.77 -13.04
C ASP A 110 21.18 -10.80 -13.96
N LYS A 111 21.78 -11.98 -14.04
CA LYS A 111 21.23 -13.08 -14.85
C LYS A 111 21.02 -12.69 -16.31
N PHE A 112 21.84 -11.77 -16.80
CA PHE A 112 21.77 -11.35 -18.19
C PHE A 112 22.73 -12.17 -19.03
N PHE A 113 24.03 -12.06 -18.74
CA PHE A 113 25.03 -12.83 -19.45
C PHE A 113 24.92 -14.31 -19.09
N ILE A 114 25.16 -15.15 -20.08
CA ILE A 114 25.02 -16.59 -19.91
C ILE A 114 26.37 -17.29 -20.03
N ASN A 115 26.67 -18.16 -19.07
CA ASN A 115 27.92 -18.88 -19.07
C ASN A 115 28.09 -19.74 -20.32
N GLY A 116 29.07 -19.39 -21.14
CA GLY A 116 29.37 -20.14 -22.36
C GLY A 116 28.56 -19.78 -23.59
N SER A 117 27.77 -18.70 -23.52
CA SER A 117 26.90 -18.31 -24.63
C SER A 117 27.69 -17.82 -25.86
N ASN A 118 28.89 -17.28 -25.60
CA ASN A 118 29.77 -16.66 -26.60
C ASN A 118 29.29 -15.33 -27.19
N TRP A 119 28.32 -14.68 -26.55
CA TRP A 119 28.02 -13.29 -26.92
C TRP A 119 28.25 -12.34 -25.75
N GLU A 120 28.60 -11.10 -26.06
CA GLU A 120 28.98 -10.12 -25.03
C GLU A 120 28.10 -8.87 -25.02
N GLY A 121 27.10 -8.81 -25.90
CA GLY A 121 26.25 -7.64 -25.98
C GLY A 121 24.89 -7.95 -26.59
N ILE A 122 24.07 -6.91 -26.74
CA ILE A 122 22.73 -7.09 -27.27
C ILE A 122 22.35 -5.95 -28.24
N LEU A 123 21.71 -6.32 -29.35
CA LEU A 123 21.25 -5.35 -30.33
C LEU A 123 19.74 -5.29 -30.40
N GLY A 124 19.16 -4.27 -29.77
CA GLY A 124 17.72 -4.07 -29.80
C GLY A 124 17.29 -3.48 -31.13
N LEU A 125 16.48 -4.23 -31.88
CA LEU A 125 16.11 -3.84 -33.24
C LEU A 125 14.71 -3.24 -33.33
N ALA A 126 14.02 -3.11 -32.21
CA ALA A 126 12.68 -2.52 -32.20
C ALA A 126 12.76 -0.98 -32.18
N TYR A 127 11.62 -0.34 -31.98
CA TYR A 127 11.50 1.10 -32.16
C TYR A 127 11.82 1.92 -30.90
N ALA A 128 11.95 3.23 -31.09
CA ALA A 128 12.38 4.15 -30.03
C ALA A 128 11.41 4.19 -28.85
N GLU A 129 10.13 3.93 -29.10
CA GLU A 129 9.11 4.03 -28.05
C GLU A 129 9.40 3.18 -26.82
N ILE A 130 10.12 2.07 -27.00
CA ILE A 130 10.41 1.19 -25.88
C ILE A 130 11.88 1.20 -25.49
N ALA A 131 12.63 2.17 -26.00
CA ALA A 131 14.02 2.33 -25.62
C ALA A 131 14.11 2.92 -24.21
N ARG A 132 15.13 2.52 -23.46
CA ARG A 132 15.40 3.09 -22.14
C ARG A 132 16.57 4.07 -22.25
N PRO A 133 16.53 5.18 -21.49
CA PRO A 133 15.55 5.59 -20.48
C PRO A 133 14.24 6.11 -21.06
N ASP A 134 14.31 6.63 -22.29
CA ASP A 134 13.12 7.10 -22.98
C ASP A 134 13.33 7.08 -24.49
N ASP A 135 12.33 7.55 -25.22
CA ASP A 135 12.34 7.42 -26.68
C ASP A 135 13.22 8.45 -27.39
N SER A 136 13.99 9.23 -26.63
CA SER A 136 14.93 10.17 -27.23
C SER A 136 16.25 9.47 -27.55
N LEU A 137 16.46 8.31 -26.94
CA LEU A 137 17.65 7.52 -27.25
C LEU A 137 17.42 6.71 -28.53
N GLU A 138 17.90 7.26 -29.64
CA GLU A 138 17.73 6.67 -30.96
C GLU A 138 18.35 5.27 -31.02
N PRO A 139 17.53 4.27 -31.39
CA PRO A 139 18.00 2.90 -31.56
C PRO A 139 19.00 2.76 -32.71
N PHE A 140 19.76 1.66 -32.73
CA PHE A 140 20.81 1.48 -33.71
C PHE A 140 20.33 1.52 -35.16
N PHE A 141 19.26 0.80 -35.45
CA PHE A 141 18.81 0.67 -36.84
C PHE A 141 18.30 2.00 -37.40
N ASP A 142 17.74 2.84 -36.52
CA ASP A 142 17.32 4.17 -36.94
C ASP A 142 18.53 5.01 -37.34
N SER A 143 19.60 4.90 -36.54
CA SER A 143 20.84 5.60 -36.85
C SER A 143 21.44 5.10 -38.17
N LEU A 144 21.40 3.77 -38.36
CA LEU A 144 21.92 3.15 -39.57
C LEU A 144 21.22 3.69 -40.82
N VAL A 145 19.91 3.74 -40.77
CA VAL A 145 19.10 4.20 -41.90
C VAL A 145 19.29 5.69 -42.15
N LYS A 146 19.39 6.48 -41.08
CA LYS A 146 19.57 7.93 -41.22
C LYS A 146 20.93 8.30 -41.80
N GLN A 147 21.97 7.65 -41.31
CA GLN A 147 23.33 7.99 -41.69
C GLN A 147 23.81 7.34 -42.99
N THR A 148 23.04 6.38 -43.50
CA THR A 148 23.44 5.66 -44.70
C THR A 148 22.30 5.54 -45.70
N HIS A 149 22.57 4.84 -46.80
CA HIS A 149 21.56 4.60 -47.82
C HIS A 149 20.93 3.22 -47.68
N VAL A 150 21.21 2.56 -46.57
CA VAL A 150 20.62 1.25 -46.30
C VAL A 150 19.10 1.37 -46.17
N PRO A 151 18.37 0.57 -46.96
CA PRO A 151 16.90 0.60 -46.95
C PRO A 151 16.34 0.24 -45.57
N ASN A 152 15.23 0.85 -45.20
CA ASN A 152 14.66 0.68 -43.86
C ASN A 152 13.95 -0.67 -43.74
N LEU A 153 14.75 -1.74 -43.76
CA LEU A 153 14.23 -3.10 -43.73
C LEU A 153 15.34 -4.06 -43.32
N PHE A 154 14.96 -5.13 -42.63
CA PHE A 154 15.87 -6.24 -42.39
C PHE A 154 15.04 -7.51 -42.29
N SER A 155 15.69 -8.65 -42.51
CA SER A 155 14.98 -9.93 -42.44
C SER A 155 15.79 -10.94 -41.64
N LEU A 156 15.08 -11.80 -40.92
CA LEU A 156 15.75 -12.78 -40.07
C LEU A 156 15.38 -14.20 -40.48
N GLN A 157 16.42 -15.00 -40.76
CA GLN A 157 16.23 -16.43 -41.00
C GLN A 157 16.88 -17.20 -39.86
N LEU A 158 16.09 -17.59 -38.88
CA LEU A 158 16.60 -18.36 -37.74
C LEU A 158 16.41 -19.86 -37.95
N CYS A 159 17.52 -20.59 -37.89
CA CYS A 159 17.51 -22.03 -38.10
C CYS A 159 17.71 -22.80 -36.80
N GLY A 160 17.03 -23.93 -36.68
CA GLY A 160 17.14 -24.78 -35.49
C GLY A 160 18.37 -25.66 -35.56
N ALA A 161 18.45 -26.59 -34.63
CA ALA A 161 19.43 -27.67 -34.67
C ALA A 161 19.66 -28.20 -36.08
N ALA A 172 23.00 -28.59 -30.12
CA ALA A 172 23.47 -27.49 -29.28
C ALA A 172 23.57 -26.19 -30.08
N SER A 173 24.31 -26.25 -31.18
CA SER A 173 24.60 -25.07 -32.00
C SER A 173 23.53 -24.77 -33.04
N VAL A 174 23.25 -23.49 -33.23
CA VAL A 174 22.23 -23.05 -34.17
C VAL A 174 22.85 -22.00 -35.07
N GLY A 175 22.20 -21.70 -36.18
CA GLY A 175 22.71 -20.71 -37.11
C GLY A 175 21.59 -19.96 -37.79
N GLY A 176 21.95 -18.99 -38.62
CA GLY A 176 20.94 -18.26 -39.37
C GLY A 176 21.49 -17.06 -40.11
N SER A 177 20.58 -16.25 -40.65
CA SER A 177 20.95 -15.08 -41.42
C SER A 177 20.20 -13.84 -40.99
N MET A 178 20.92 -12.73 -40.88
CA MET A 178 20.29 -11.43 -40.73
C MET A 178 20.61 -10.61 -41.97
N ILE A 179 19.63 -10.48 -42.85
CA ILE A 179 19.83 -9.70 -44.07
C ILE A 179 19.45 -8.25 -43.79
N ILE A 180 20.46 -7.39 -43.74
CA ILE A 180 20.26 -5.98 -43.45
C ILE A 180 20.04 -5.16 -44.71
N GLY A 181 18.89 -4.51 -44.79
CA GLY A 181 18.60 -3.62 -45.90
C GLY A 181 17.90 -4.28 -47.07
N GLY A 182 17.41 -5.50 -46.87
CA GLY A 182 16.74 -6.17 -47.96
C GLY A 182 16.23 -7.57 -47.70
N ILE A 183 15.82 -8.21 -48.80
CA ILE A 183 15.26 -9.55 -48.79
C ILE A 183 16.06 -10.48 -49.68
N ASP A 184 16.49 -11.62 -49.15
CA ASP A 184 17.25 -12.58 -49.95
C ASP A 184 16.34 -13.73 -50.37
N HIS A 185 16.05 -13.80 -51.67
CA HIS A 185 15.07 -14.73 -52.20
C HIS A 185 15.55 -16.19 -52.23
N SER A 186 16.86 -16.40 -52.12
CA SER A 186 17.37 -17.75 -52.12
C SER A 186 17.20 -18.40 -50.74
N LEU A 187 16.74 -17.61 -49.78
CA LEU A 187 16.62 -18.09 -48.40
C LEU A 187 15.22 -18.58 -48.05
N TYR A 188 14.27 -18.48 -48.98
CA TYR A 188 12.93 -18.96 -48.72
C TYR A 188 12.24 -19.47 -49.97
N THR A 189 11.18 -20.24 -49.77
CA THR A 189 10.36 -20.74 -50.87
C THR A 189 8.91 -20.30 -50.72
N GLY A 190 8.18 -20.28 -51.82
CA GLY A 190 6.79 -19.86 -51.83
C GLY A 190 6.68 -18.34 -51.74
N SER A 191 5.51 -17.87 -51.29
CA SER A 191 5.26 -16.44 -51.24
C SER A 191 5.47 -15.88 -49.84
N LEU A 192 5.79 -14.59 -49.78
CA LEU A 192 5.81 -13.87 -48.51
C LEU A 192 4.41 -13.41 -48.14
N TRP A 193 4.01 -13.62 -46.89
CA TRP A 193 2.73 -13.13 -46.40
C TRP A 193 2.94 -12.08 -45.31
N TYR A 194 2.30 -10.93 -45.48
CA TYR A 194 2.56 -9.79 -44.61
C TYR A 194 1.42 -9.51 -43.64
N THR A 195 1.79 -9.19 -42.40
CA THR A 195 0.86 -8.78 -41.38
C THR A 195 1.27 -7.38 -40.94
N PRO A 196 0.28 -6.50 -40.69
CA PRO A 196 0.62 -5.11 -40.34
C PRO A 196 1.32 -4.99 -38.99
N ILE A 197 2.30 -4.10 -38.93
CA ILE A 197 2.82 -3.67 -37.63
C ILE A 197 1.77 -2.71 -37.07
N ARG A 198 1.10 -3.15 -36.01
CA ARG A 198 -0.02 -2.40 -35.45
C ARG A 198 0.42 -1.04 -34.91
N ARG A 199 1.55 -1.02 -34.23
CA ARG A 199 2.05 0.18 -33.60
C ARG A 199 3.59 0.04 -33.53
N GLU A 200 4.31 1.09 -33.86
CA GLU A 200 5.78 1.03 -33.88
C GLU A 200 6.37 1.22 -32.49
N TRP A 201 6.40 0.17 -31.70
CA TRP A 201 7.02 0.10 -30.42
C TRP A 201 7.74 -1.22 -30.22
N TYR A 202 7.08 -2.29 -29.79
CA TYR A 202 7.58 -3.63 -30.09
C TYR A 202 7.20 -3.89 -31.55
N TYR A 203 7.61 -5.01 -32.11
CA TYR A 203 7.03 -5.39 -33.39
C TYR A 203 5.70 -6.07 -33.10
N GLU A 204 4.66 -5.26 -32.86
CA GLU A 204 3.36 -5.77 -32.47
C GLU A 204 2.51 -6.13 -33.67
N VAL A 205 1.89 -7.31 -33.60
CA VAL A 205 0.98 -7.78 -34.62
C VAL A 205 -0.31 -8.26 -33.98
N ILE A 206 -1.27 -8.67 -34.81
CA ILE A 206 -2.56 -9.14 -34.30
C ILE A 206 -2.87 -10.57 -34.74
N ILE A 207 -3.01 -11.45 -33.77
CA ILE A 207 -3.44 -12.82 -34.01
C ILE A 207 -4.97 -12.88 -34.04
N VAL A 208 -5.54 -13.38 -35.13
CA VAL A 208 -6.99 -13.32 -35.30
C VAL A 208 -7.67 -14.68 -35.11
N ARG A 209 -6.88 -15.75 -35.12
CA ARG A 209 -7.42 -17.09 -35.01
C ARG A 209 -6.34 -18.08 -34.59
N VAL A 210 -6.71 -19.07 -33.77
CA VAL A 210 -5.79 -20.13 -33.38
C VAL A 210 -6.41 -21.51 -33.61
N GLU A 211 -5.65 -22.38 -34.28
CA GLU A 211 -6.11 -23.75 -34.51
C GLU A 211 -5.08 -24.77 -34.00
N ILE A 212 -5.57 -25.80 -33.34
CA ILE A 212 -4.73 -26.91 -32.94
C ILE A 212 -5.22 -28.18 -33.63
N ASN A 213 -4.38 -28.74 -34.51
CA ASN A 213 -4.74 -29.89 -35.33
C ASN A 213 -6.03 -29.68 -36.12
N GLY A 214 -6.22 -28.46 -36.60
CA GLY A 214 -7.36 -28.12 -37.43
C GLY A 214 -8.60 -27.71 -36.66
N GLN A 215 -8.52 -27.75 -35.35
CA GLN A 215 -9.67 -27.38 -34.51
C GLN A 215 -9.45 -25.99 -33.93
N ASP A 216 -10.43 -25.13 -34.13
CA ASP A 216 -10.36 -23.76 -33.62
C ASP A 216 -10.42 -23.81 -32.10
N LEU A 217 -9.57 -23.01 -31.45
CA LEU A 217 -9.59 -22.91 -29.99
C LEU A 217 -10.89 -22.25 -29.52
N LYS A 218 -11.52 -21.50 -30.41
CA LYS A 218 -12.80 -20.85 -30.16
C LYS A 218 -12.83 -20.03 -28.87
N MET A 219 -11.84 -19.14 -28.76
CA MET A 219 -11.81 -18.13 -27.71
C MET A 219 -12.12 -16.81 -28.38
N ASP A 220 -12.53 -15.81 -27.62
CA ASP A 220 -12.62 -14.46 -28.15
C ASP A 220 -11.21 -14.09 -28.61
N CYS A 221 -11.08 -13.60 -29.84
CA CYS A 221 -9.76 -13.36 -30.43
C CYS A 221 -8.99 -12.26 -29.69
N LYS A 222 -9.68 -11.48 -28.86
CA LYS A 222 -8.98 -10.52 -28.00
C LYS A 222 -8.08 -11.20 -26.99
N GLU A 223 -8.45 -12.41 -26.59
CA GLU A 223 -7.64 -13.15 -25.61
C GLU A 223 -6.26 -13.46 -26.19
N TYR A 224 -6.21 -13.73 -27.50
CA TYR A 224 -4.96 -14.07 -28.19
C TYR A 224 -3.96 -12.93 -28.14
N ASN A 225 -4.47 -11.70 -28.15
CA ASN A 225 -3.62 -10.53 -28.09
C ASN A 225 -3.85 -9.77 -26.80
N TYR A 226 -4.29 -10.48 -25.76
CA TYR A 226 -4.60 -9.83 -24.49
C TYR A 226 -3.41 -9.04 -24.01
N ASP A 227 -3.63 -7.73 -24.01
CA ASP A 227 -2.61 -6.69 -23.95
C ASP A 227 -1.97 -6.49 -25.30
N LYS A 228 -1.18 -7.47 -25.74
CA LYS A 228 -0.48 -7.39 -27.02
C LYS A 228 0.06 -8.71 -27.54
N SER A 229 0.49 -8.68 -28.80
CA SER A 229 1.21 -9.77 -29.43
C SER A 229 2.43 -9.24 -30.16
N ILE A 230 3.61 -9.78 -29.85
CA ILE A 230 4.84 -9.26 -30.44
C ILE A 230 5.71 -10.36 -31.06
N VAL A 231 6.57 -9.96 -31.99
CA VAL A 231 7.56 -10.87 -32.57
C VAL A 231 8.93 -10.59 -31.95
N ASP A 232 9.46 -11.58 -31.24
CA ASP A 232 10.63 -11.36 -30.40
C ASP A 232 11.69 -12.45 -30.61
N SER A 233 12.71 -12.13 -31.40
CA SER A 233 13.78 -13.08 -31.68
C SER A 233 14.64 -13.33 -30.45
N GLY A 234 14.49 -12.50 -29.43
CA GLY A 234 15.25 -12.62 -28.20
C GLY A 234 14.65 -13.63 -27.24
N THR A 235 13.37 -13.96 -27.43
CA THR A 235 12.69 -14.94 -26.58
C THR A 235 12.71 -16.34 -27.21
N THR A 236 12.95 -17.35 -26.39
CA THR A 236 13.01 -18.72 -26.86
C THR A 236 11.62 -19.28 -27.17
N ASN A 237 10.72 -19.11 -26.22
CA ASN A 237 9.42 -19.78 -26.27
C ASN A 237 8.34 -19.07 -27.07
N LEU A 238 7.25 -19.79 -27.30
CA LEU A 238 5.99 -19.16 -27.62
C LEU A 238 5.31 -18.90 -26.29
N ARG A 239 5.20 -17.64 -25.92
CA ARG A 239 4.60 -17.27 -24.64
C ARG A 239 3.18 -16.80 -24.86
N LEU A 240 2.26 -17.39 -24.11
CA LEU A 240 0.84 -17.10 -24.28
C LEU A 240 0.21 -16.53 -23.02
N PRO A 241 -0.81 -15.67 -23.19
CA PRO A 241 -1.58 -15.23 -22.03
C PRO A 241 -2.19 -16.46 -21.34
N LYS A 242 -2.30 -16.38 -20.02
CA LYS A 242 -2.73 -17.50 -19.16
C LYS A 242 -3.89 -18.30 -19.73
N LYS A 243 -5.01 -17.63 -19.98
CA LYS A 243 -6.23 -18.30 -20.45
C LYS A 243 -5.99 -19.05 -21.76
N VAL A 244 -5.24 -18.40 -22.66
CA VAL A 244 -4.89 -19.01 -23.94
C VAL A 244 -3.94 -20.19 -23.71
N PHE A 245 -3.00 -20.02 -22.78
CA PHE A 245 -2.04 -21.06 -22.45
C PHE A 245 -2.75 -22.32 -21.96
N GLU A 246 -3.70 -22.11 -21.05
CA GLU A 246 -4.49 -23.20 -20.48
C GLU A 246 -5.32 -23.90 -21.54
N ALA A 247 -5.93 -23.12 -22.43
CA ALA A 247 -6.73 -23.69 -23.51
C ALA A 247 -5.85 -24.55 -24.42
N ALA A 248 -4.68 -24.00 -24.76
CA ALA A 248 -3.76 -24.70 -25.65
C ALA A 248 -3.20 -25.97 -25.01
N VAL A 249 -2.77 -25.87 -23.76
CA VAL A 249 -2.20 -27.02 -23.04
C VAL A 249 -3.24 -28.13 -22.89
N LYS A 250 -4.49 -27.75 -22.63
CA LYS A 250 -5.57 -28.71 -22.51
C LYS A 250 -5.76 -29.49 -23.80
N SER A 251 -5.64 -28.80 -24.92
CA SER A 251 -5.79 -29.42 -26.23
C SER A 251 -4.59 -30.29 -26.58
N ILE A 252 -3.39 -29.83 -26.22
CA ILE A 252 -2.17 -30.58 -26.51
C ILE A 252 -2.09 -31.82 -25.61
N LYS A 253 -2.57 -31.69 -24.38
CA LYS A 253 -2.65 -32.83 -23.46
C LYS A 253 -3.58 -33.88 -24.06
N ALA A 254 -4.71 -33.42 -24.59
CA ALA A 254 -5.72 -34.29 -25.16
C ALA A 254 -5.21 -35.06 -26.38
N ALA A 255 -4.47 -34.39 -27.25
CA ALA A 255 -3.96 -35.02 -28.46
C ALA A 255 -2.88 -36.06 -28.15
N SER A 256 -2.11 -35.78 -27.10
CA SER A 256 -1.01 -36.63 -26.65
C SER A 256 -1.40 -37.62 -25.55
N SER A 257 -2.64 -37.51 -25.07
CA SER A 257 -3.16 -38.34 -23.97
C SER A 257 -2.81 -39.83 -24.00
N THR A 258 -2.38 -40.32 -25.12
CA THR A 258 -1.99 -41.69 -25.25
C THR A 258 -0.81 -41.96 -24.34
N GLU A 259 -0.14 -40.90 -23.95
CA GLU A 259 1.05 -40.98 -23.16
C GLU A 259 0.84 -40.05 -21.99
N LYS A 260 1.49 -40.29 -20.88
CA LYS A 260 1.35 -39.38 -19.76
C LYS A 260 2.69 -38.87 -19.32
N PHE A 261 2.72 -37.63 -18.91
CA PHE A 261 3.96 -36.92 -18.73
C PHE A 261 3.92 -36.18 -17.43
N PRO A 262 5.02 -36.11 -16.72
CA PRO A 262 4.91 -35.36 -15.47
C PRO A 262 4.34 -33.98 -15.74
N ASP A 263 3.36 -33.65 -14.92
CA ASP A 263 2.73 -32.35 -14.87
C ASP A 263 3.64 -31.15 -14.96
N GLY A 264 4.88 -31.31 -14.51
CA GLY A 264 5.85 -30.24 -14.55
C GLY A 264 6.56 -30.08 -15.86
N PHE A 265 6.43 -31.05 -16.74
CA PHE A 265 6.80 -30.97 -18.14
C PHE A 265 6.01 -29.88 -18.85
N TRP A 266 4.71 -29.82 -18.59
CA TRP A 266 3.85 -28.85 -19.22
C TRP A 266 4.14 -27.42 -18.75
N LEU A 267 4.83 -27.31 -17.62
CA LEU A 267 5.26 -26.01 -17.13
C LEU A 267 6.71 -25.75 -17.50
N GLY A 268 7.31 -26.68 -18.24
CA GLY A 268 8.69 -26.53 -18.68
C GLY A 268 9.72 -26.70 -17.58
N GLU A 269 9.33 -27.33 -16.48
CA GLU A 269 10.22 -27.49 -15.34
C GLU A 269 11.09 -28.74 -15.45
N GLN A 270 10.54 -29.84 -15.98
CA GLN A 270 11.32 -31.05 -16.17
C GLN A 270 11.15 -31.59 -17.59
N LEU A 271 12.17 -32.30 -18.05
CA LEU A 271 12.22 -32.81 -19.41
C LEU A 271 11.39 -34.07 -19.62
N VAL A 272 11.12 -34.36 -20.88
CA VAL A 272 10.62 -35.66 -21.29
C VAL A 272 11.67 -36.31 -22.16
N CYS A 273 11.83 -37.61 -21.98
CA CYS A 273 12.88 -38.34 -22.65
C CYS A 273 12.29 -39.55 -23.36
N TRP A 274 12.80 -39.83 -24.55
CA TRP A 274 12.38 -41.00 -25.29
C TRP A 274 13.62 -41.68 -25.84
N GLN A 275 13.51 -42.97 -26.13
CA GLN A 275 14.66 -43.71 -26.62
C GLN A 275 14.96 -43.10 -27.97
N ALA A 276 16.24 -42.95 -28.29
CA ALA A 276 16.63 -42.22 -29.49
C ALA A 276 16.01 -42.79 -30.76
N GLY A 277 15.48 -41.89 -31.60
CA GLY A 277 14.78 -42.27 -32.80
C GLY A 277 13.38 -42.82 -32.61
N THR A 278 12.86 -42.79 -31.39
CA THR A 278 11.56 -43.37 -31.07
C THR A 278 10.52 -42.30 -30.77
N THR A 279 10.92 -41.03 -30.86
CA THR A 279 10.07 -39.92 -30.42
C THR A 279 8.74 -39.90 -31.16
N PRO A 280 7.62 -39.94 -30.41
CA PRO A 280 6.30 -40.03 -31.01
C PRO A 280 5.77 -38.66 -31.43
N TRP A 281 6.34 -38.11 -32.50
CA TRP A 281 5.96 -36.79 -32.98
C TRP A 281 4.48 -36.74 -33.36
N ASN A 282 3.96 -37.88 -33.81
CA ASN A 282 2.61 -37.93 -34.36
C ASN A 282 1.52 -37.74 -33.32
N ILE A 283 1.84 -37.88 -32.04
CA ILE A 283 0.84 -37.68 -30.99
C ILE A 283 0.75 -36.21 -30.58
N PHE A 284 1.71 -35.41 -31.03
CA PHE A 284 1.69 -33.97 -30.76
C PHE A 284 1.13 -33.21 -31.95
N PRO A 285 0.19 -32.29 -31.67
CA PRO A 285 -0.54 -31.57 -32.71
C PRO A 285 0.25 -30.46 -33.37
N VAL A 286 -0.17 -30.07 -34.58
CA VAL A 286 0.35 -28.89 -35.22
C VAL A 286 -0.43 -27.69 -34.69
N ILE A 287 0.22 -26.54 -34.63
CA ILE A 287 -0.45 -25.33 -34.16
C ILE A 287 -0.48 -24.29 -35.26
N SER A 288 -1.67 -23.79 -35.56
CA SER A 288 -1.83 -22.76 -36.59
C SER A 288 -2.20 -21.42 -35.98
N LEU A 289 -1.37 -20.41 -36.25
CA LEU A 289 -1.66 -19.05 -35.87
C LEU A 289 -2.05 -18.23 -37.09
N TYR A 290 -3.28 -17.72 -37.09
CA TYR A 290 -3.74 -16.85 -38.17
C TYR A 290 -3.43 -15.40 -37.82
N LEU A 291 -2.73 -14.70 -38.71
CA LEU A 291 -2.38 -13.30 -38.50
C LEU A 291 -3.17 -12.40 -39.46
N MET A 292 -3.47 -11.19 -39.01
CA MET A 292 -4.16 -10.19 -39.83
C MET A 292 -3.38 -9.90 -41.11
N GLY A 293 -4.09 -9.90 -42.24
CA GLY A 293 -3.48 -9.63 -43.54
C GLY A 293 -3.46 -8.17 -43.96
N GLU A 294 -3.06 -7.93 -45.21
CA GLU A 294 -2.97 -6.59 -45.78
C GLU A 294 -4.27 -6.01 -46.37
N VAL A 295 -5.20 -6.86 -46.75
CA VAL A 295 -6.49 -6.40 -47.28
C VAL A 295 -7.66 -6.80 -46.40
N THR A 296 -8.81 -6.17 -46.64
CA THR A 296 -9.99 -6.29 -45.78
C THR A 296 -10.46 -7.73 -45.63
N ASN A 297 -10.74 -8.13 -44.39
CA ASN A 297 -11.27 -9.47 -44.07
C ASN A 297 -10.35 -10.59 -44.52
N GLN A 298 -9.07 -10.28 -44.69
CA GLN A 298 -8.11 -11.28 -45.15
C GLN A 298 -6.99 -11.54 -44.16
N SER A 299 -6.90 -12.79 -43.71
CA SER A 299 -5.79 -13.29 -42.91
C SER A 299 -4.90 -14.28 -43.67
N PHE A 300 -3.88 -14.80 -42.99
CA PHE A 300 -3.07 -15.91 -43.49
C PHE A 300 -2.64 -16.71 -42.26
N ARG A 301 -2.18 -17.93 -42.45
CA ARG A 301 -1.78 -18.71 -41.28
C ARG A 301 -0.36 -19.22 -41.38
N ILE A 302 0.30 -19.29 -40.23
CA ILE A 302 1.57 -19.97 -40.11
C ILE A 302 1.34 -21.22 -39.27
N THR A 303 1.86 -22.35 -39.73
CA THR A 303 1.69 -23.61 -39.01
C THR A 303 3.02 -24.09 -38.45
N ILE A 304 3.07 -24.35 -37.15
CA ILE A 304 4.30 -24.82 -36.53
C ILE A 304 4.18 -26.28 -36.08
N LEU A 305 5.25 -27.04 -36.26
CA LEU A 305 5.28 -28.45 -35.91
C LEU A 305 5.73 -28.65 -34.46
N PRO A 306 5.40 -29.82 -33.88
CA PRO A 306 5.90 -30.15 -32.53
C PRO A 306 7.43 -30.12 -32.43
N GLN A 307 8.12 -30.33 -33.54
CA GLN A 307 9.58 -30.25 -33.53
C GLN A 307 10.06 -28.84 -33.20
N GLN A 308 9.15 -27.87 -33.25
CA GLN A 308 9.48 -26.50 -32.95
C GLN A 308 9.22 -26.16 -31.49
N TYR A 309 8.08 -26.58 -30.95
CA TYR A 309 7.76 -26.23 -29.56
C TYR A 309 8.17 -27.33 -28.58
N LEU A 310 8.75 -28.41 -29.08
CA LEU A 310 9.42 -29.38 -28.21
C LEU A 310 10.93 -29.23 -28.42
N ARG A 311 11.53 -28.34 -27.65
CA ARG A 311 12.93 -27.96 -27.84
C ARG A 311 13.87 -29.04 -27.31
N PRO A 312 14.79 -29.52 -28.15
CA PRO A 312 15.71 -30.59 -27.75
C PRO A 312 16.66 -30.15 -26.63
N VAL A 313 16.82 -31.02 -25.64
CA VAL A 313 17.69 -30.76 -24.51
C VAL A 313 18.66 -31.91 -24.28
N ASP A 321 19.15 -41.73 -25.57
CA ASP A 321 17.83 -41.12 -25.37
C ASP A 321 17.78 -39.67 -25.85
N ASP A 322 16.67 -39.30 -26.46
CA ASP A 322 16.43 -37.93 -26.90
C ASP A 322 15.53 -37.21 -25.89
N CYS A 323 15.96 -36.04 -25.44
CA CYS A 323 15.25 -35.33 -24.38
C CYS A 323 14.76 -33.96 -24.84
N TYR A 324 13.58 -33.58 -24.37
CA TYR A 324 12.96 -32.32 -24.81
C TYR A 324 12.38 -31.50 -23.66
N LYS A 325 12.21 -30.22 -23.92
CA LYS A 325 11.52 -29.32 -23.00
C LYS A 325 10.34 -28.69 -23.70
N PHE A 326 9.21 -28.60 -23.00
CA PHE A 326 8.01 -27.96 -23.54
C PHE A 326 8.29 -26.46 -23.66
N ALA A 327 8.27 -25.95 -24.88
CA ALA A 327 8.67 -24.56 -25.12
C ALA A 327 7.48 -23.64 -25.37
N ILE A 328 6.36 -23.99 -24.76
CA ILE A 328 5.19 -23.12 -24.71
C ILE A 328 4.93 -22.77 -23.26
N SER A 329 4.93 -21.48 -22.93
CA SER A 329 4.80 -21.05 -21.54
C SER A 329 3.85 -19.85 -21.37
N GLN A 330 3.56 -19.50 -20.12
CA GLN A 330 2.61 -18.45 -19.80
C GLN A 330 3.25 -17.07 -19.82
N SER A 331 2.44 -16.05 -20.06
CA SER A 331 2.92 -14.68 -20.08
C SER A 331 1.92 -13.76 -19.37
N SER A 332 2.43 -12.71 -18.74
CA SER A 332 1.58 -11.68 -18.15
C SER A 332 1.82 -10.37 -18.86
N THR A 333 2.44 -10.44 -20.03
CA THR A 333 2.68 -9.25 -20.84
C THR A 333 2.21 -9.45 -22.28
N GLY A 334 1.29 -10.39 -22.50
CA GLY A 334 0.76 -10.66 -23.82
C GLY A 334 1.44 -11.80 -24.55
N THR A 335 1.04 -12.03 -25.80
CA THR A 335 1.64 -13.10 -26.60
C THR A 335 3.02 -12.69 -27.10
N VAL A 336 4.00 -13.55 -26.86
CA VAL A 336 5.35 -13.33 -27.38
C VAL A 336 5.70 -14.44 -28.34
N MET A 337 5.82 -14.11 -29.62
CA MET A 337 6.20 -15.08 -30.64
C MET A 337 7.72 -15.14 -30.71
N GLY A 338 8.29 -16.12 -30.02
CA GLY A 338 9.73 -16.25 -29.91
C GLY A 338 10.39 -17.10 -30.99
N ALA A 339 11.59 -17.58 -30.68
CA ALA A 339 12.41 -18.34 -31.62
C ALA A 339 11.72 -19.62 -32.11
N VAL A 340 10.97 -20.27 -31.24
CA VAL A 340 10.25 -21.49 -31.63
C VAL A 340 9.27 -21.21 -32.77
N ILE A 341 8.72 -20.00 -32.80
CA ILE A 341 7.86 -19.60 -33.88
C ILE A 341 8.68 -19.19 -35.10
N MET A 342 9.70 -18.36 -34.89
CA MET A 342 10.46 -17.81 -36.01
C MET A 342 11.33 -18.83 -36.72
N GLU A 343 11.74 -19.89 -36.02
CA GLU A 343 12.59 -20.91 -36.61
C GLU A 343 11.82 -21.60 -37.73
N GLY A 344 12.47 -21.83 -38.86
CA GLY A 344 11.79 -22.48 -39.97
C GLY A 344 11.11 -21.52 -40.92
N PHE A 345 11.10 -20.23 -40.59
CA PHE A 345 10.47 -19.23 -41.44
C PHE A 345 11.48 -18.15 -41.77
N TYR A 346 11.24 -17.47 -42.89
CA TYR A 346 11.99 -16.29 -43.26
C TYR A 346 11.14 -15.10 -42.85
N VAL A 347 11.59 -14.34 -41.87
CA VAL A 347 10.77 -13.26 -41.33
C VAL A 347 11.31 -11.90 -41.75
N VAL A 348 10.48 -11.14 -42.46
CA VAL A 348 10.88 -9.83 -42.96
C VAL A 348 10.31 -8.71 -42.09
N PHE A 349 11.18 -7.89 -41.55
CA PHE A 349 10.75 -6.74 -40.77
C PHE A 349 10.78 -5.50 -41.66
N ASP A 350 9.70 -5.33 -42.43
CA ASP A 350 9.56 -4.24 -43.38
C ASP A 350 9.10 -2.96 -42.68
N ARG A 351 10.04 -2.30 -42.00
CA ARG A 351 9.75 -1.07 -41.25
C ARG A 351 9.24 0.05 -42.14
N ALA A 352 9.73 0.09 -43.38
CA ALA A 352 9.37 1.11 -44.33
C ALA A 352 7.88 1.07 -44.67
N ARG A 353 7.33 -0.13 -44.75
CA ARG A 353 5.93 -0.30 -45.12
C ARG A 353 5.09 -0.83 -43.95
N LYS A 354 5.65 -0.73 -42.75
CA LYS A 354 4.95 -1.08 -41.51
C LYS A 354 4.28 -2.44 -41.55
N ARG A 355 5.07 -3.46 -41.89
CA ARG A 355 4.52 -4.80 -42.02
C ARG A 355 5.59 -5.84 -41.75
N ILE A 356 5.15 -7.04 -41.38
CA ILE A 356 6.04 -8.14 -41.13
C ILE A 356 5.68 -9.30 -42.04
N GLY A 357 6.65 -9.80 -42.79
CA GLY A 357 6.43 -10.87 -43.73
C GLY A 357 6.86 -12.24 -43.23
N PHE A 358 6.07 -13.25 -43.54
CA PHE A 358 6.40 -14.63 -43.20
C PHE A 358 6.45 -15.47 -44.45
N ALA A 359 7.46 -16.34 -44.55
CA ALA A 359 7.56 -17.31 -45.62
C ALA A 359 8.29 -18.55 -45.11
N VAL A 360 8.03 -19.69 -45.74
CA VAL A 360 8.73 -20.91 -45.40
C VAL A 360 10.22 -20.75 -45.69
N SER A 361 11.04 -20.96 -44.66
CA SER A 361 12.48 -20.79 -44.78
C SER A 361 13.14 -21.95 -45.53
N ALA A 362 14.32 -21.68 -46.07
CA ALA A 362 15.08 -22.72 -46.75
C ALA A 362 15.56 -23.77 -45.75
N CYS A 363 15.72 -23.38 -44.49
CA CYS A 363 16.00 -24.36 -43.43
C CYS A 363 14.73 -24.70 -42.64
N HIS A 364 13.63 -24.99 -43.34
CA HIS A 364 12.37 -25.21 -42.64
C HIS A 364 12.30 -26.60 -42.01
N VAL A 365 11.61 -26.69 -40.88
CA VAL A 365 11.43 -27.96 -40.19
C VAL A 365 10.22 -28.73 -40.73
N HIS A 366 10.47 -29.99 -41.06
CA HIS A 366 9.40 -30.94 -41.41
C HIS A 366 9.72 -32.40 -41.11
N ASP A 367 8.68 -33.20 -40.97
CA ASP A 367 8.79 -34.65 -40.81
C ASP A 367 8.25 -35.32 -42.07
N GLU A 368 8.01 -36.63 -42.00
CA GLU A 368 7.61 -37.42 -43.17
C GLU A 368 6.21 -37.13 -43.68
N PHE A 369 5.32 -36.74 -42.79
CA PHE A 369 3.93 -36.48 -43.14
C PHE A 369 3.41 -35.08 -42.86
N ARG A 370 4.20 -34.26 -42.18
CA ARG A 370 3.75 -32.93 -41.82
C ARG A 370 4.86 -31.93 -42.13
N THR A 371 4.46 -30.69 -42.40
CA THR A 371 5.43 -29.66 -42.72
C THR A 371 5.00 -28.30 -42.17
N ALA A 372 5.96 -27.50 -41.78
CA ALA A 372 5.71 -26.11 -41.40
C ALA A 372 5.25 -25.37 -42.65
N ALA A 373 4.28 -24.47 -42.50
CA ALA A 373 3.70 -23.82 -43.66
C ALA A 373 3.28 -22.38 -43.42
N VAL A 374 3.28 -21.61 -44.51
CA VAL A 374 2.67 -20.29 -44.55
C VAL A 374 1.62 -20.29 -45.66
N GLU A 375 0.36 -20.15 -45.28
CA GLU A 375 -0.72 -20.31 -46.25
C GLU A 375 -1.71 -19.14 -46.24
N GLY A 376 -2.19 -18.80 -47.44
CA GLY A 376 -3.18 -17.76 -47.61
C GLY A 376 -3.65 -17.75 -49.05
N PRO A 377 -4.64 -16.89 -49.35
CA PRO A 377 -5.27 -16.03 -48.35
C PRO A 377 -6.39 -16.72 -47.60
N PHE A 378 -6.71 -16.26 -46.41
CA PHE A 378 -7.88 -16.73 -45.70
C PHE A 378 -8.81 -15.57 -45.46
N VAL A 379 -10.10 -15.84 -45.34
CA VAL A 379 -11.05 -14.81 -44.98
C VAL A 379 -11.36 -14.89 -43.49
N THR A 380 -11.20 -13.77 -42.81
CA THR A 380 -11.51 -13.70 -41.38
C THR A 380 -12.34 -12.44 -41.14
N LEU A 381 -13.49 -12.60 -40.52
CA LEU A 381 -14.36 -11.47 -40.25
C LEU A 381 -14.01 -10.77 -38.95
N ASP A 382 -14.34 -9.48 -38.88
CA ASP A 382 -14.16 -8.65 -37.69
C ASP A 382 -12.78 -8.77 -37.03
N MET A 383 -11.74 -8.66 -37.84
CA MET A 383 -10.38 -8.81 -37.34
C MET A 383 -10.00 -7.69 -36.37
N GLU A 384 -10.59 -6.51 -36.57
CA GLU A 384 -10.28 -5.35 -35.75
C GLU A 384 -10.72 -5.56 -34.29
N ASP A 385 -11.68 -6.46 -34.09
CA ASP A 385 -12.16 -6.82 -32.76
C ASP A 385 -11.14 -7.61 -31.96
N CYS A 386 -10.08 -8.08 -32.61
CA CYS A 386 -9.12 -8.96 -31.94
C CYS A 386 -8.05 -8.13 -31.25
N GLY A 387 -7.95 -6.87 -31.63
CA GLY A 387 -7.02 -5.96 -30.98
C GLY A 387 -7.51 -5.51 -29.61
N TYR A 388 -6.64 -5.62 -28.61
CA TYR A 388 -6.95 -5.13 -27.27
C TYR A 388 -6.75 -3.63 -27.17
N SER B 2 25.65 -3.93 -8.35
CA SER B 2 25.52 -3.76 -6.90
C SER B 2 24.05 -3.77 -6.49
N PHE B 3 23.28 -2.83 -7.03
CA PHE B 3 21.85 -2.71 -6.75
C PHE B 3 20.98 -3.09 -7.95
N VAL B 4 21.61 -3.52 -9.03
CA VAL B 4 20.90 -3.83 -10.27
C VAL B 4 19.84 -4.93 -10.05
N GLU B 5 20.05 -5.74 -9.02
CA GLU B 5 19.15 -6.82 -8.68
C GLU B 5 17.79 -6.32 -8.19
N MET B 6 17.75 -5.06 -7.75
CA MET B 6 16.55 -4.52 -7.14
C MET B 6 15.78 -3.56 -8.05
N VAL B 7 16.36 -3.28 -9.21
CA VAL B 7 15.73 -2.34 -10.13
C VAL B 7 14.45 -2.92 -10.75
N ASP B 8 13.44 -2.06 -10.91
CA ASP B 8 12.14 -2.43 -11.47
C ASP B 8 11.41 -3.48 -10.63
N ASN B 9 11.63 -3.46 -9.32
CA ASN B 9 10.99 -4.44 -8.45
C ASN B 9 9.65 -3.97 -7.90
N LEU B 10 9.16 -2.83 -8.37
CA LEU B 10 7.87 -2.30 -7.93
C LEU B 10 6.82 -2.30 -9.05
N ARG B 11 5.61 -2.70 -8.68
CA ARG B 11 4.46 -2.63 -9.56
C ARG B 11 3.29 -1.98 -8.82
N GLY B 12 2.24 -1.66 -9.55
CA GLY B 12 1.06 -1.07 -8.95
C GLY B 12 0.06 -0.59 -9.96
N LYS B 13 -1.09 -0.17 -9.46
CA LYS B 13 -2.12 0.47 -10.27
C LYS B 13 -2.27 1.92 -9.83
N SER B 14 -2.59 2.80 -10.77
CA SER B 14 -2.71 4.23 -10.47
C SER B 14 -3.73 4.48 -9.35
N GLY B 15 -3.32 5.22 -8.33
CA GLY B 15 -4.17 5.55 -7.22
C GLY B 15 -4.34 4.44 -6.20
N GLN B 16 -3.58 3.35 -6.38
CA GLN B 16 -3.71 2.19 -5.51
C GLN B 16 -2.38 1.76 -4.88
N GLY B 17 -1.38 2.65 -4.94
CA GLY B 17 -0.10 2.38 -4.28
C GLY B 17 0.86 1.51 -5.08
N TYR B 18 2.10 1.46 -4.62
CA TYR B 18 3.13 0.62 -5.22
C TYR B 18 3.48 -0.56 -4.32
N TYR B 19 3.68 -1.74 -4.89
CA TYR B 19 4.00 -2.90 -4.08
C TYR B 19 5.27 -3.63 -4.53
N VAL B 20 5.91 -4.29 -3.57
CA VAL B 20 7.08 -5.11 -3.81
C VAL B 20 6.74 -6.54 -3.45
N GLU B 21 7.39 -7.50 -4.10
CA GLU B 21 7.18 -8.90 -3.78
C GLU B 21 7.98 -9.31 -2.56
N MET B 22 7.33 -9.97 -1.61
CA MET B 22 8.00 -10.48 -0.43
C MET B 22 7.60 -11.93 -0.16
N THR B 23 8.38 -12.60 0.68
CA THR B 23 8.00 -13.93 1.16
C THR B 23 8.03 -13.95 2.69
N VAL B 24 7.07 -14.65 3.28
CA VAL B 24 7.05 -14.83 4.73
C VAL B 24 6.81 -16.30 5.08
N GLY B 25 7.45 -16.75 6.16
CA GLY B 25 7.22 -18.10 6.66
C GLY B 25 8.10 -19.18 6.05
N SER B 26 8.03 -20.37 6.63
CA SER B 26 8.73 -21.54 6.13
C SER B 26 7.76 -22.70 5.93
N PRO B 27 7.57 -23.14 4.68
CA PRO B 27 8.21 -22.66 3.44
C PRO B 27 7.72 -21.27 3.04
N PRO B 28 8.50 -20.54 2.25
CA PRO B 28 8.16 -19.15 1.92
C PRO B 28 6.81 -19.00 1.23
N GLN B 29 6.00 -18.06 1.72
CA GLN B 29 4.72 -17.73 1.10
C GLN B 29 4.85 -16.38 0.42
N THR B 30 4.57 -16.35 -0.88
CA THR B 30 4.78 -15.16 -1.68
C THR B 30 3.58 -14.21 -1.64
N LEU B 31 3.85 -12.96 -1.31
CA LEU B 31 2.80 -11.94 -1.26
C LEU B 31 3.28 -10.63 -1.86
N ASN B 32 2.37 -9.87 -2.45
CA ASN B 32 2.69 -8.54 -2.94
C ASN B 32 2.42 -7.52 -1.85
N ILE B 33 3.46 -6.81 -1.44
CA ILE B 33 3.39 -5.94 -0.27
C ILE B 33 3.55 -4.47 -0.62
N LEU B 34 2.55 -3.69 -0.24
CA LEU B 34 2.51 -2.26 -0.47
C LEU B 34 3.68 -1.53 0.21
N VAL B 35 4.31 -0.61 -0.51
CA VAL B 35 5.45 0.17 0.01
C VAL B 35 4.96 1.50 0.58
N ASP B 36 5.05 1.66 1.90
CA ASP B 36 4.45 2.82 2.56
C ASP B 36 5.39 3.53 3.53
N THR B 37 5.85 4.71 3.14
CA THR B 37 6.72 5.50 4.00
C THR B 37 5.91 6.34 4.98
N GLY B 38 4.58 6.19 4.95
CA GLY B 38 3.72 6.96 5.82
C GLY B 38 3.25 6.22 7.07
N SER B 39 3.72 4.99 7.25
CA SER B 39 3.38 4.20 8.44
C SER B 39 4.57 3.31 8.82
N SER B 40 4.41 2.52 9.86
CA SER B 40 5.53 1.75 10.39
C SER B 40 5.17 0.31 10.76
N ASN B 41 4.01 -0.15 10.33
CA ASN B 41 3.59 -1.51 10.62
C ASN B 41 3.69 -2.42 9.39
N PHE B 42 4.27 -3.59 9.60
CA PHE B 42 4.29 -4.63 8.59
C PHE B 42 3.11 -5.56 8.83
N ALA B 43 2.18 -5.60 7.87
CA ALA B 43 0.97 -6.39 8.03
C ALA B 43 0.54 -7.05 6.74
N VAL B 44 -0.08 -8.22 6.86
CA VAL B 44 -0.55 -8.97 5.70
C VAL B 44 -1.94 -9.55 5.96
N GLY B 45 -2.73 -9.69 4.90
CA GLY B 45 -3.99 -10.39 5.00
C GLY B 45 -3.71 -11.82 5.42
N ALA B 46 -4.41 -12.27 6.46
CA ALA B 46 -4.16 -13.59 7.02
C ALA B 46 -5.46 -14.39 7.12
N ALA B 47 -6.47 -13.90 6.41
CA ALA B 47 -7.77 -14.54 6.40
C ALA B 47 -8.46 -14.22 5.08
N PRO B 48 -9.41 -15.07 4.65
CA PRO B 48 -10.11 -14.82 3.39
C PRO B 48 -10.83 -13.48 3.35
N HIS B 49 -10.75 -12.83 2.20
CA HIS B 49 -11.41 -11.55 1.95
C HIS B 49 -11.79 -11.55 0.48
N PRO B 50 -12.95 -10.96 0.15
CA PRO B 50 -13.41 -10.92 -1.24
C PRO B 50 -12.38 -10.32 -2.19
N PHE B 51 -11.54 -9.42 -1.68
CA PHE B 51 -10.57 -8.72 -2.52
C PHE B 51 -9.15 -9.31 -2.46
N LEU B 52 -8.96 -10.36 -1.67
CA LEU B 52 -7.64 -10.99 -1.56
C LEU B 52 -7.50 -12.20 -2.48
N HIS B 53 -6.54 -12.14 -3.40
CA HIS B 53 -6.23 -13.28 -4.25
C HIS B 53 -5.61 -14.39 -3.40
N ARG B 54 -4.79 -13.99 -2.45
CA ARG B 54 -4.07 -14.92 -1.59
C ARG B 54 -3.91 -14.29 -0.20
N TYR B 55 -3.52 -15.10 0.78
CA TYR B 55 -3.28 -14.56 2.12
C TYR B 55 -2.29 -15.39 2.93
N TYR B 56 -1.81 -14.80 4.01
CA TYR B 56 -0.83 -15.42 4.89
C TYR B 56 -1.46 -16.52 5.73
N GLN B 57 -0.94 -17.72 5.59
CA GLN B 57 -1.46 -18.87 6.32
C GLN B 57 -0.49 -19.27 7.43
N ARG B 58 -0.73 -18.75 8.63
CA ARG B 58 0.13 -19.00 9.78
C ARG B 58 0.24 -20.48 10.14
N GLN B 59 -0.83 -21.24 9.90
CA GLN B 59 -0.85 -22.66 10.25
C GLN B 59 0.24 -23.42 9.49
N LEU B 60 0.57 -22.94 8.30
CA LEU B 60 1.51 -23.62 7.41
C LEU B 60 2.96 -23.16 7.57
N SER B 61 3.23 -22.33 8.59
CA SER B 61 4.58 -21.83 8.79
C SER B 61 5.20 -22.38 10.06
N SER B 62 6.32 -23.09 9.91
CA SER B 62 7.03 -23.68 11.04
C SER B 62 7.68 -22.59 11.88
N THR B 63 8.03 -21.49 11.24
CA THR B 63 8.76 -20.41 11.90
C THR B 63 7.84 -19.34 12.50
N TYR B 64 6.53 -19.44 12.26
CA TYR B 64 5.60 -18.46 12.81
C TYR B 64 5.54 -18.51 14.34
N ARG B 65 5.52 -17.34 14.96
CA ARG B 65 5.38 -17.21 16.41
C ARG B 65 4.24 -16.26 16.74
N ASP B 66 3.44 -16.62 17.73
CA ASP B 66 2.33 -15.76 18.15
C ASP B 66 2.80 -14.88 19.31
N LEU B 67 2.53 -13.58 19.23
CA LEU B 67 2.91 -12.67 20.29
C LEU B 67 1.75 -12.45 21.25
N ARG B 68 0.58 -12.95 20.86
CA ARG B 68 -0.63 -12.88 21.67
C ARG B 68 -0.99 -11.46 22.10
N LYS B 69 -0.86 -10.52 21.17
CA LYS B 69 -1.37 -9.18 21.35
C LYS B 69 -2.15 -8.81 20.11
N GLY B 70 -3.22 -8.06 20.31
CA GLY B 70 -4.00 -7.55 19.19
C GLY B 70 -3.37 -6.25 18.73
N VAL B 71 -3.81 -5.77 17.58
CA VAL B 71 -3.31 -4.51 17.06
C VAL B 71 -4.33 -3.89 16.11
N TYR B 72 -4.39 -2.57 16.12
CA TYR B 72 -5.25 -1.82 15.21
C TYR B 72 -4.47 -0.68 14.57
N VAL B 73 -4.64 -0.49 13.26
CA VAL B 73 -4.00 0.63 12.58
C VAL B 73 -4.99 1.38 11.70
N PRO B 74 -5.21 2.67 12.00
CA PRO B 74 -6.05 3.52 11.16
C PRO B 74 -5.24 4.34 10.16
N TYR B 75 -5.67 4.35 8.91
CA TYR B 75 -5.02 5.14 7.88
C TYR B 75 -5.97 6.25 7.43
N THR B 76 -5.47 7.18 6.63
CA THR B 76 -6.32 8.22 6.07
C THR B 76 -7.37 7.54 5.20
N GLN B 77 -6.95 6.49 4.50
CA GLN B 77 -7.88 5.63 3.78
C GLN B 77 -7.78 4.21 4.29
N GLY B 78 -8.86 3.71 4.89
CA GLY B 78 -8.93 2.34 5.34
C GLY B 78 -8.33 2.11 6.71
N LYS B 79 -8.59 0.92 7.25
CA LYS B 79 -8.11 0.54 8.57
C LYS B 79 -8.29 -0.95 8.77
N TRP B 80 -7.43 -1.55 9.59
CA TRP B 80 -7.53 -2.97 9.86
C TRP B 80 -7.19 -3.27 11.31
N GLU B 81 -7.58 -4.45 11.75
CA GLU B 81 -7.14 -4.97 13.03
C GLU B 81 -6.61 -6.37 12.80
N GLY B 82 -5.71 -6.82 13.66
CA GLY B 82 -5.11 -8.12 13.47
C GLY B 82 -4.38 -8.66 14.68
N GLU B 83 -3.70 -9.79 14.49
CA GLU B 83 -2.97 -10.43 15.56
C GLU B 83 -1.48 -10.23 15.34
N LEU B 84 -0.79 -9.78 16.40
CA LEU B 84 0.66 -9.60 16.33
C LEU B 84 1.35 -10.94 16.41
N GLY B 85 2.41 -11.09 15.62
CA GLY B 85 3.18 -12.31 15.62
C GLY B 85 4.55 -12.08 15.04
N THR B 86 5.33 -13.14 14.92
CA THR B 86 6.66 -13.02 14.37
C THR B 86 6.96 -14.16 13.39
N ASP B 87 7.73 -13.88 12.35
CA ASP B 87 8.09 -14.88 11.36
C ASP B 87 9.30 -14.44 10.52
N LEU B 88 9.81 -15.35 9.70
CA LEU B 88 10.93 -15.05 8.81
C LEU B 88 10.44 -14.38 7.52
N VAL B 89 11.13 -13.32 7.11
CA VAL B 89 10.73 -12.54 5.95
C VAL B 89 11.89 -12.39 4.95
N SER B 90 11.57 -12.45 3.66
CA SER B 90 12.58 -12.21 2.62
C SER B 90 12.04 -11.33 1.50
N ILE B 91 12.97 -10.73 0.74
CA ILE B 91 12.62 -9.96 -0.44
C ILE B 91 13.34 -10.55 -1.67
N PRO B 92 12.62 -11.33 -2.48
CA PRO B 92 13.18 -12.01 -3.67
C PRO B 92 14.01 -11.08 -4.55
N HIS B 93 13.43 -9.97 -4.97
CA HIS B 93 14.15 -8.97 -5.76
C HIS B 93 14.67 -7.86 -4.86
N GLY B 94 15.34 -8.26 -3.79
CA GLY B 94 15.96 -7.32 -2.88
C GLY B 94 17.32 -7.83 -2.44
N PRO B 95 17.79 -7.39 -1.27
CA PRO B 95 19.06 -7.88 -0.73
C PRO B 95 18.97 -9.36 -0.37
N ASN B 96 20.04 -10.12 -0.60
CA ASN B 96 20.02 -11.54 -0.30
C ASN B 96 20.11 -11.80 1.19
N VAL B 97 19.03 -11.51 1.90
CA VAL B 97 18.97 -11.72 3.34
C VAL B 97 17.62 -12.29 3.75
N THR B 98 17.59 -12.87 4.94
CA THR B 98 16.34 -13.30 5.56
C THR B 98 16.35 -12.83 6.99
N VAL B 99 15.29 -12.11 7.39
CA VAL B 99 15.24 -11.58 8.75
C VAL B 99 13.97 -12.04 9.46
N ARG B 100 14.06 -12.11 10.79
CA ARG B 100 12.89 -12.35 11.61
C ARG B 100 12.28 -11.02 12.02
N ALA B 101 11.03 -10.79 11.61
CA ALA B 101 10.38 -9.50 11.83
C ALA B 101 8.98 -9.62 12.39
N ASN B 102 8.52 -8.55 13.04
CA ASN B 102 7.15 -8.46 13.50
C ASN B 102 6.17 -8.46 12.34
N ILE B 103 5.13 -9.27 12.45
CA ILE B 103 4.09 -9.33 11.42
C ILE B 103 2.71 -9.26 12.06
N ALA B 104 1.87 -8.36 11.56
CA ALA B 104 0.49 -8.30 12.00
C ALA B 104 -0.40 -9.06 11.04
N ALA B 105 -1.05 -10.10 11.56
CA ALA B 105 -1.94 -10.93 10.76
C ALA B 105 -3.34 -10.33 10.70
N ILE B 106 -3.64 -9.64 9.61
CA ILE B 106 -4.91 -8.94 9.46
C ILE B 106 -6.09 -9.92 9.44
N THR B 107 -7.01 -9.76 10.38
CA THR B 107 -8.17 -10.65 10.47
C THR B 107 -9.46 -9.95 10.07
N GLU B 108 -9.50 -8.62 10.25
CA GLU B 108 -10.61 -7.80 9.76
C GLU B 108 -10.13 -6.43 9.30
N SER B 109 -10.84 -5.87 8.33
CA SER B 109 -10.46 -4.62 7.72
C SER B 109 -11.67 -3.88 7.17
N ASP B 110 -11.52 -2.57 7.01
CA ASP B 110 -12.58 -1.74 6.47
C ASP B 110 -12.01 -0.78 5.43
N LYS B 111 -12.37 -1.01 4.17
CA LYS B 111 -11.95 -0.15 3.07
C LYS B 111 -10.43 -0.05 2.95
N PHE B 112 -9.74 -1.10 3.36
CA PHE B 112 -8.29 -1.16 3.27
C PHE B 112 -7.86 -1.82 1.96
N PHE B 113 -8.23 -3.09 1.81
CA PHE B 113 -7.93 -3.80 0.57
C PHE B 113 -8.74 -3.25 -0.58
N ILE B 114 -8.12 -3.23 -1.76
CA ILE B 114 -8.75 -2.66 -2.94
C ILE B 114 -9.03 -3.77 -3.95
N ASN B 115 -10.26 -3.80 -4.46
CA ASN B 115 -10.67 -4.83 -5.40
C ASN B 115 -9.83 -4.81 -6.67
N GLY B 116 -9.06 -5.89 -6.88
CA GLY B 116 -8.23 -6.02 -8.06
C GLY B 116 -6.87 -5.34 -7.97
N SER B 117 -6.50 -4.89 -6.78
CA SER B 117 -5.26 -4.15 -6.56
C SER B 117 -3.98 -4.97 -6.80
N ASN B 118 -4.09 -6.28 -6.58
CA ASN B 118 -2.99 -7.23 -6.68
C ASN B 118 -1.93 -7.14 -5.56
N TRP B 119 -2.22 -6.43 -4.47
CA TRP B 119 -1.38 -6.56 -3.27
C TRP B 119 -2.19 -7.07 -2.08
N GLU B 120 -1.51 -7.75 -1.16
CA GLU B 120 -2.18 -8.38 -0.03
C GLU B 120 -1.67 -7.92 1.33
N GLY B 121 -0.73 -6.99 1.34
CA GLY B 121 -0.17 -6.50 2.59
C GLY B 121 0.41 -5.11 2.50
N ILE B 122 0.98 -4.63 3.59
CA ILE B 122 1.56 -3.30 3.63
C ILE B 122 2.88 -3.30 4.42
N LEU B 123 3.87 -2.59 3.89
CA LEU B 123 5.16 -2.47 4.55
C LEU B 123 5.39 -1.03 5.00
N GLY B 124 5.19 -0.78 6.29
CA GLY B 124 5.43 0.55 6.84
C GLY B 124 6.92 0.80 7.04
N LEU B 125 7.44 1.79 6.32
CA LEU B 125 8.88 2.04 6.30
C LEU B 125 9.33 3.21 7.18
N ALA B 126 8.39 3.82 7.89
CA ALA B 126 8.70 4.93 8.79
C ALA B 126 9.21 4.42 10.14
N TYR B 127 9.37 5.33 11.09
CA TYR B 127 10.06 5.01 12.34
C TYR B 127 9.14 4.44 13.42
N ALA B 128 9.76 3.91 14.47
CA ALA B 128 9.03 3.19 15.51
C ALA B 128 8.03 4.08 16.27
N GLU B 129 8.29 5.37 16.33
CA GLU B 129 7.47 6.30 17.11
C GLU B 129 5.99 6.28 16.73
N ILE B 130 5.69 5.97 15.47
CA ILE B 130 4.29 5.97 15.01
C ILE B 130 3.79 4.56 14.75
N ALA B 131 4.53 3.56 15.22
CA ALA B 131 4.10 2.17 15.11
C ALA B 131 3.00 1.85 16.11
N ARG B 132 2.09 0.96 15.72
CA ARG B 132 1.06 0.47 16.63
C ARG B 132 1.47 -0.90 17.14
N PRO B 133 1.14 -1.21 18.40
CA PRO B 133 0.39 -0.42 19.38
C PRO B 133 1.18 0.74 19.97
N ASP B 134 2.51 0.60 20.02
CA ASP B 134 3.38 1.66 20.49
C ASP B 134 4.77 1.46 19.91
N ASP B 135 5.71 2.31 20.31
CA ASP B 135 7.03 2.34 19.67
C ASP B 135 7.93 1.19 20.09
N SER B 136 7.40 0.24 20.85
CA SER B 136 8.16 -0.94 21.24
C SER B 136 8.10 -2.02 20.17
N LEU B 137 7.11 -1.92 19.27
CA LEU B 137 7.03 -2.86 18.17
C LEU B 137 7.97 -2.43 17.04
N GLU B 138 9.15 -3.04 17.02
CA GLU B 138 10.19 -2.71 16.06
C GLU B 138 9.72 -2.89 14.61
N PRO B 139 9.80 -1.81 13.82
CA PRO B 139 9.44 -1.84 12.39
C PRO B 139 10.36 -2.75 11.58
N PHE B 140 9.92 -3.12 10.38
CA PHE B 140 10.66 -4.07 9.56
C PHE B 140 12.08 -3.59 9.22
N PHE B 141 12.21 -2.35 8.76
CA PHE B 141 13.51 -1.86 8.30
C PHE B 141 14.53 -1.76 9.43
N ASP B 142 14.05 -1.49 10.64
CA ASP B 142 14.92 -1.49 11.79
C ASP B 142 15.45 -2.90 12.06
N SER B 143 14.57 -3.89 11.93
CA SER B 143 14.95 -5.29 12.09
C SER B 143 15.97 -5.68 11.03
N LEU B 144 15.72 -5.24 9.80
CA LEU B 144 16.60 -5.54 8.68
C LEU B 144 18.00 -5.01 8.92
N VAL B 145 18.11 -3.76 9.36
CA VAL B 145 19.41 -3.14 9.59
C VAL B 145 20.14 -3.78 10.76
N LYS B 146 19.41 -4.08 11.83
CA LYS B 146 20.03 -4.68 13.01
C LYS B 146 20.51 -6.11 12.76
N GLN B 147 19.70 -6.90 12.06
CA GLN B 147 20.02 -8.31 11.85
C GLN B 147 20.97 -8.56 10.69
N THR B 148 21.23 -7.55 9.87
CA THR B 148 22.08 -7.71 8.69
C THR B 148 23.11 -6.58 8.58
N HIS B 149 23.89 -6.62 7.50
CA HIS B 149 24.88 -5.56 7.22
C HIS B 149 24.35 -4.55 6.21
N VAL B 150 23.06 -4.62 5.90
CA VAL B 150 22.44 -3.68 4.99
C VAL B 150 22.49 -2.27 5.56
N PRO B 151 23.03 -1.31 4.80
CA PRO B 151 23.15 0.08 5.23
C PRO B 151 21.80 0.71 5.57
N ASN B 152 21.77 1.61 6.54
CA ASN B 152 20.55 2.22 7.02
C ASN B 152 20.01 3.27 6.05
N LEU B 153 19.56 2.80 4.89
CA LEU B 153 19.11 3.68 3.82
C LEU B 153 18.28 2.92 2.80
N PHE B 154 17.30 3.60 2.20
CA PHE B 154 16.60 3.06 1.04
C PHE B 154 16.17 4.21 0.15
N SER B 155 15.93 3.92 -1.13
CA SER B 155 15.52 4.95 -2.07
C SER B 155 14.38 4.43 -2.93
N LEU B 156 13.46 5.34 -3.29
CA LEU B 156 12.28 4.99 -4.07
C LEU B 156 12.20 5.74 -5.40
N GLN B 157 12.08 4.99 -6.49
CA GLN B 157 11.78 5.58 -7.79
C GLN B 157 10.40 5.17 -8.24
N LEU B 158 9.42 6.02 -7.99
CA LEU B 158 8.05 5.72 -8.39
C LEU B 158 7.78 6.33 -9.76
N CYS B 159 7.39 5.49 -10.71
CA CYS B 159 7.13 6.00 -12.05
C CYS B 159 5.63 6.07 -12.29
N GLY B 160 5.20 7.14 -12.97
CA GLY B 160 3.78 7.31 -13.24
C GLY B 160 3.35 6.53 -14.46
N ALA B 161 2.09 6.73 -14.85
CA ALA B 161 1.57 6.13 -16.08
C ALA B 161 2.25 6.71 -17.31
N GLY B 162 2.31 5.92 -18.38
CA GLY B 162 2.85 6.40 -19.64
C GLY B 162 4.18 5.78 -20.03
N PHE B 163 4.74 4.99 -19.13
CA PHE B 163 5.98 4.27 -19.42
C PHE B 163 5.66 2.79 -19.62
N PRO B 164 6.05 2.24 -20.78
CA PRO B 164 5.73 0.83 -21.09
C PRO B 164 6.43 -0.15 -20.16
N LEU B 165 5.65 -0.74 -19.25
CA LEU B 165 6.17 -1.76 -18.34
C LEU B 165 6.44 -3.04 -19.12
N ASN B 166 7.47 -3.77 -18.72
CA ASN B 166 7.78 -5.05 -19.35
C ASN B 166 6.98 -6.17 -18.69
N GLN B 167 7.53 -6.73 -17.62
CA GLN B 167 6.87 -7.82 -16.90
C GLN B 167 5.65 -7.31 -16.12
N SER B 168 4.62 -8.16 -16.04
CA SER B 168 3.40 -7.86 -15.28
C SER B 168 2.69 -6.61 -15.78
N GLU B 169 2.71 -6.38 -17.09
CA GLU B 169 2.19 -5.15 -17.63
C GLU B 169 0.66 -5.21 -17.78
N VAL B 170 0.09 -6.41 -17.87
CA VAL B 170 -1.37 -6.56 -17.95
C VAL B 170 -2.02 -6.33 -16.60
N LEU B 171 -1.24 -6.47 -15.53
CA LEU B 171 -1.76 -6.39 -14.18
C LEU B 171 -1.60 -4.99 -13.60
N ALA B 172 -0.65 -4.25 -14.15
CA ALA B 172 -0.25 -2.99 -13.56
C ALA B 172 -0.24 -1.86 -14.58
N SER B 173 -0.55 -0.65 -14.11
CA SER B 173 -0.48 0.54 -14.94
CA SER B 173 -0.47 0.53 -14.96
C SER B 173 0.81 1.30 -14.66
N VAL B 174 1.40 1.07 -13.49
CA VAL B 174 2.63 1.75 -13.10
C VAL B 174 3.70 0.78 -12.57
N GLY B 175 4.95 1.26 -12.54
CA GLY B 175 6.07 0.47 -12.06
C GLY B 175 7.08 1.35 -11.37
N GLY B 176 8.14 0.75 -10.84
CA GLY B 176 9.21 1.50 -10.19
C GLY B 176 10.26 0.63 -9.51
N SER B 177 11.14 1.27 -8.75
CA SER B 177 12.24 0.56 -8.07
C SER B 177 12.34 0.96 -6.61
N MET B 178 12.56 -0.03 -5.75
CA MET B 178 12.92 0.22 -4.36
C MET B 178 14.31 -0.35 -4.08
N ILE B 179 15.29 0.54 -3.99
CA ILE B 179 16.67 0.12 -3.71
C ILE B 179 16.93 0.05 -2.21
N ILE B 180 17.12 -1.17 -1.70
CA ILE B 180 17.37 -1.37 -0.28
C ILE B 180 18.85 -1.27 0.04
N GLY B 181 19.22 -0.33 0.89
CA GLY B 181 20.59 -0.23 1.35
C GLY B 181 21.51 0.67 0.55
N GLY B 182 20.97 1.45 -0.38
CA GLY B 182 21.82 2.31 -1.18
C GLY B 182 21.16 3.18 -2.23
N ILE B 183 22.00 3.75 -3.09
CA ILE B 183 21.56 4.64 -4.15
C ILE B 183 22.01 4.11 -5.51
N ASP B 184 21.06 3.99 -6.44
CA ASP B 184 21.36 3.52 -7.79
C ASP B 184 21.36 4.67 -8.79
N HIS B 185 22.51 4.95 -9.39
CA HIS B 185 22.68 6.11 -10.27
C HIS B 185 21.96 6.02 -11.61
N SER B 186 21.50 4.83 -11.98
CA SER B 186 20.77 4.69 -13.23
C SER B 186 19.34 5.18 -13.08
N LEU B 187 18.95 5.51 -11.85
CA LEU B 187 17.56 5.87 -11.57
C LEU B 187 17.32 7.38 -11.56
N TYR B 188 18.39 8.16 -11.72
CA TYR B 188 18.22 9.62 -11.73
C TYR B 188 19.26 10.35 -12.57
N THR B 189 18.95 11.60 -12.91
CA THR B 189 19.88 12.48 -13.60
C THR B 189 20.11 13.74 -12.77
N GLY B 190 21.20 14.43 -13.02
CA GLY B 190 21.51 15.63 -12.27
C GLY B 190 21.99 15.29 -10.86
N SER B 191 21.86 16.26 -9.96
CA SER B 191 22.33 16.09 -8.59
C SER B 191 21.20 15.75 -7.63
N LEU B 192 21.55 15.07 -6.55
CA LEU B 192 20.64 14.86 -5.43
C LEU B 192 20.63 16.07 -4.51
N TRP B 193 19.44 16.51 -4.12
CA TRP B 193 19.29 17.62 -3.18
C TRP B 193 18.62 17.12 -1.89
N TYR B 194 19.24 17.44 -0.76
CA TYR B 194 18.81 16.88 0.51
C TYR B 194 18.10 17.87 1.42
N THR B 195 17.03 17.41 2.05
CA THR B 195 16.33 18.20 3.05
C THR B 195 16.37 17.40 4.36
N PRO B 196 16.56 18.10 5.49
CA PRO B 196 16.70 17.41 6.78
C PRO B 196 15.43 16.70 7.22
N ILE B 197 15.57 15.51 7.78
CA ILE B 197 14.45 14.89 8.48
C ILE B 197 14.29 15.59 9.81
N ARG B 198 13.18 16.32 9.95
CA ARG B 198 12.97 17.15 11.12
C ARG B 198 12.91 16.33 12.40
N ARG B 199 12.18 15.22 12.32
CA ARG B 199 11.93 14.36 13.47
C ARG B 199 11.70 12.95 12.96
N GLU B 200 12.28 11.95 13.64
CA GLU B 200 12.13 10.56 13.24
C GLU B 200 10.85 9.93 13.76
N TRP B 201 9.75 10.21 13.08
CA TRP B 201 8.47 9.57 13.27
C TRP B 201 7.82 9.31 11.94
N TYR B 202 7.09 10.24 11.36
CA TYR B 202 6.90 10.16 9.90
C TYR B 202 8.22 10.62 9.30
N TYR B 203 8.34 10.55 7.98
CA TYR B 203 9.48 11.21 7.33
C TYR B 203 9.11 12.69 7.18
N GLU B 204 9.30 13.44 8.26
CA GLU B 204 8.88 14.84 8.33
C GLU B 204 9.92 15.78 7.77
N VAL B 205 9.48 16.71 6.93
CA VAL B 205 10.35 17.73 6.40
C VAL B 205 9.70 19.10 6.56
N ILE B 206 10.40 20.14 6.13
CA ILE B 206 9.89 21.50 6.26
C ILE B 206 9.82 22.19 4.91
N ILE B 207 8.62 22.56 4.50
CA ILE B 207 8.41 23.38 3.31
C ILE B 207 8.55 24.84 3.65
N VAL B 208 9.44 25.55 2.97
CA VAL B 208 9.74 26.93 3.34
C VAL B 208 9.14 27.95 2.37
N ARG B 209 8.67 27.46 1.23
CA ARG B 209 8.07 28.34 0.22
C ARG B 209 7.28 27.54 -0.81
N VAL B 210 6.17 28.11 -1.26
CA VAL B 210 5.37 27.50 -2.31
C VAL B 210 5.12 28.51 -3.42
N GLU B 211 5.36 28.10 -4.66
CA GLU B 211 5.11 28.96 -5.80
C GLU B 211 4.17 28.28 -6.79
N ILE B 212 3.20 29.04 -7.26
CA ILE B 212 2.28 28.59 -8.30
C ILE B 212 2.49 29.47 -9.53
N ASN B 213 2.88 28.86 -10.64
CA ASN B 213 3.18 29.59 -11.88
C ASN B 213 4.26 30.65 -11.67
N GLY B 214 5.20 30.34 -10.78
CA GLY B 214 6.34 31.22 -10.54
C GLY B 214 5.98 32.32 -9.55
N GLN B 215 4.73 32.31 -9.11
CA GLN B 215 4.21 33.35 -8.23
C GLN B 215 4.07 32.82 -6.80
N ASP B 216 4.61 33.56 -5.83
CA ASP B 216 4.52 33.14 -4.43
C ASP B 216 3.09 33.10 -3.94
N LEU B 217 2.75 32.05 -3.20
CA LEU B 217 1.44 31.93 -2.58
C LEU B 217 1.27 33.00 -1.51
N LYS B 218 2.40 33.56 -1.06
CA LYS B 218 2.42 34.63 -0.08
C LYS B 218 1.66 34.27 1.18
N MET B 219 1.94 33.09 1.71
CA MET B 219 1.42 32.71 3.01
C MET B 219 2.55 32.60 4.00
N ASP B 220 2.22 32.69 5.28
CA ASP B 220 3.19 32.38 6.33
C ASP B 220 3.60 30.92 6.11
N CYS B 221 4.91 30.67 6.08
CA CYS B 221 5.41 29.35 5.73
C CYS B 221 5.04 28.32 6.80
N LYS B 222 4.62 28.78 7.97
CA LYS B 222 4.11 27.89 9.00
C LYS B 222 2.82 27.21 8.53
N GLU B 223 2.09 27.89 7.65
CA GLU B 223 0.84 27.33 7.12
C GLU B 223 1.11 26.11 6.27
N TYR B 224 2.23 26.13 5.55
CA TYR B 224 2.61 25.03 4.67
C TYR B 224 2.87 23.76 5.46
N ASN B 225 3.36 23.92 6.70
CA ASN B 225 3.65 22.77 7.54
C ASN B 225 2.76 22.73 8.76
N TYR B 226 1.59 23.36 8.66
CA TYR B 226 0.66 23.41 9.78
C TYR B 226 0.28 22.00 10.23
N ASP B 227 0.66 21.70 11.48
CA ASP B 227 0.76 20.36 12.05
C ASP B 227 2.07 19.72 11.59
N LYS B 228 2.14 19.36 10.31
CA LYS B 228 3.33 18.72 9.76
C LYS B 228 3.38 18.67 8.24
N SER B 229 4.56 18.32 7.74
CA SER B 229 4.75 18.00 6.33
C SER B 229 5.51 16.69 6.27
N ILE B 230 4.94 15.71 5.56
CA ILE B 230 5.55 14.39 5.49
C ILE B 230 5.69 13.89 4.06
N VAL B 231 6.61 12.97 3.85
CA VAL B 231 6.77 12.29 2.57
C VAL B 231 6.15 10.90 2.68
N ASP B 232 5.09 10.66 1.92
CA ASP B 232 4.28 9.46 2.09
C ASP B 232 3.99 8.76 0.76
N SER B 233 4.71 7.68 0.49
CA SER B 233 4.52 6.93 -0.75
C SER B 233 3.19 6.16 -0.75
N GLY B 234 2.56 6.05 0.41
CA GLY B 234 1.29 5.36 0.52
C GLY B 234 0.09 6.20 0.14
N THR B 235 0.26 7.52 0.17
CA THR B 235 -0.81 8.45 -0.21
C THR B 235 -0.67 8.83 -1.69
N THR B 236 -1.80 8.89 -2.39
CA THR B 236 -1.79 9.21 -3.81
C THR B 236 -1.53 10.68 -4.09
N ASN B 237 -2.27 11.55 -3.41
CA ASN B 237 -2.31 12.97 -3.73
C ASN B 237 -1.22 13.82 -3.11
N LEU B 238 -1.15 15.06 -3.58
CA LEU B 238 -0.54 16.12 -2.80
C LEU B 238 -1.63 16.67 -1.91
N ARG B 239 -1.51 16.43 -0.61
CA ARG B 239 -2.53 16.88 0.33
C ARG B 239 -2.04 18.13 1.05
N LEU B 240 -2.88 19.16 1.06
CA LEU B 240 -2.51 20.44 1.65
C LEU B 240 -3.45 20.82 2.79
N PRO B 241 -2.94 21.54 3.79
CA PRO B 241 -3.80 22.12 4.83
C PRO B 241 -4.84 23.04 4.20
N LYS B 242 -6.05 23.09 4.78
CA LYS B 242 -7.19 23.82 4.21
C LYS B 242 -6.83 25.19 3.63
N LYS B 243 -6.25 26.05 4.47
CA LYS B 243 -5.92 27.41 4.04
C LYS B 243 -4.98 27.38 2.84
N VAL B 244 -3.99 26.50 2.88
CA VAL B 244 -3.05 26.36 1.78
C VAL B 244 -3.75 25.77 0.57
N PHE B 245 -4.62 24.80 0.81
CA PHE B 245 -5.38 24.18 -0.27
C PHE B 245 -6.27 25.18 -0.99
N GLU B 246 -6.99 25.98 -0.21
CA GLU B 246 -7.90 26.98 -0.79
C GLU B 246 -7.14 27.99 -1.63
N ALA B 247 -6.02 28.46 -1.11
CA ALA B 247 -5.18 29.44 -1.80
C ALA B 247 -4.61 28.87 -3.09
N ALA B 248 -4.12 27.63 -3.00
CA ALA B 248 -3.50 26.99 -4.16
C ALA B 248 -4.49 26.76 -5.28
N VAL B 249 -5.66 26.24 -4.95
CA VAL B 249 -6.68 25.96 -5.95
C VAL B 249 -7.11 27.22 -6.68
N LYS B 250 -7.28 28.31 -5.93
CA LYS B 250 -7.68 29.58 -6.50
C LYS B 250 -6.60 30.11 -7.46
N SER B 251 -5.35 29.89 -7.10
CA SER B 251 -4.22 30.32 -7.93
C SER B 251 -4.14 29.45 -9.19
N ILE B 252 -4.44 28.16 -9.04
CA ILE B 252 -4.43 27.23 -10.16
C ILE B 252 -5.61 27.53 -11.08
N LYS B 253 -6.73 27.97 -10.49
CA LYS B 253 -7.91 28.37 -11.25
C LYS B 253 -7.62 29.57 -12.16
N ALA B 254 -6.95 30.58 -11.61
CA ALA B 254 -6.63 31.79 -12.36
C ALA B 254 -5.69 31.48 -13.52
N ALA B 255 -4.73 30.61 -13.25
CA ALA B 255 -3.72 30.21 -14.23
C ALA B 255 -4.34 29.40 -15.37
N SER B 256 -5.46 28.73 -15.08
CA SER B 256 -6.10 27.89 -16.08
C SER B 256 -7.02 28.71 -16.97
N SER B 257 -7.75 29.64 -16.37
CA SER B 257 -8.58 30.62 -17.09
C SER B 257 -9.27 30.23 -18.41
N THR B 258 -8.50 29.75 -19.39
CA THR B 258 -9.03 29.50 -20.74
C THR B 258 -10.11 28.42 -20.78
N GLU B 259 -10.12 27.52 -19.81
CA GLU B 259 -11.21 26.59 -19.71
C GLU B 259 -11.71 26.69 -18.29
N LYS B 260 -12.94 26.27 -18.05
CA LYS B 260 -13.47 26.32 -16.69
C LYS B 260 -14.04 24.98 -16.33
N PHE B 261 -14.07 24.67 -15.05
CA PHE B 261 -14.37 23.34 -14.57
C PHE B 261 -15.29 23.39 -13.39
N PRO B 262 -16.08 22.36 -13.22
CA PRO B 262 -17.01 22.30 -12.09
C PRO B 262 -16.27 22.18 -10.77
N ASP B 263 -16.90 22.64 -9.69
CA ASP B 263 -16.28 22.59 -8.37
C ASP B 263 -15.97 21.15 -7.97
N GLY B 264 -16.75 20.21 -8.49
CA GLY B 264 -16.50 18.81 -8.22
C GLY B 264 -15.18 18.31 -8.78
N PHE B 265 -14.66 18.97 -9.82
CA PHE B 265 -13.35 18.60 -10.32
C PHE B 265 -12.27 19.02 -9.32
N TRP B 266 -12.40 20.23 -8.80
CA TRP B 266 -11.43 20.79 -7.86
C TRP B 266 -11.50 20.11 -6.51
N LEU B 267 -12.61 19.42 -6.23
CA LEU B 267 -12.74 18.65 -5.00
C LEU B 267 -12.41 17.19 -5.26
N GLY B 268 -12.00 16.89 -6.49
CA GLY B 268 -11.59 15.54 -6.85
C GLY B 268 -12.74 14.57 -6.95
N GLU B 269 -13.96 15.10 -7.08
CA GLU B 269 -15.14 14.26 -7.11
C GLU B 269 -15.47 13.76 -8.51
N GLN B 270 -15.28 14.60 -9.52
CA GLN B 270 -15.55 14.20 -10.88
C GLN B 270 -14.40 14.49 -11.85
N LEU B 271 -14.31 13.69 -12.90
CA LEU B 271 -13.23 13.78 -13.87
C LEU B 271 -13.40 14.89 -14.90
N VAL B 272 -12.30 15.27 -15.54
CA VAL B 272 -12.33 16.09 -16.73
C VAL B 272 -11.77 15.27 -17.87
N CYS B 273 -12.31 15.41 -19.07
CA CYS B 273 -11.90 14.54 -20.14
C CYS B 273 -11.56 15.27 -21.39
N TRP B 274 -10.69 14.67 -22.18
CA TRP B 274 -10.26 15.24 -23.43
C TRP B 274 -9.98 14.22 -24.48
N GLN B 275 -10.04 14.72 -25.70
CA GLN B 275 -9.74 13.94 -26.88
C GLN B 275 -8.30 13.57 -26.70
N ALA B 276 -7.98 12.29 -26.79
CA ALA B 276 -6.61 11.86 -26.60
C ALA B 276 -5.72 12.73 -27.43
N GLY B 277 -4.50 12.98 -26.94
CA GLY B 277 -3.54 13.82 -27.62
C GLY B 277 -3.94 15.27 -27.62
N THR B 278 -4.96 15.59 -26.85
CA THR B 278 -5.52 16.91 -26.87
C THR B 278 -5.42 17.63 -25.53
N THR B 279 -5.03 16.93 -24.48
CA THR B 279 -4.94 17.51 -23.16
C THR B 279 -4.12 18.80 -23.17
N PRO B 280 -4.71 19.88 -22.69
CA PRO B 280 -4.07 21.19 -22.66
C PRO B 280 -3.14 21.37 -21.46
N TRP B 281 -2.00 20.71 -21.49
CA TRP B 281 -1.07 20.74 -20.36
C TRP B 281 -0.59 22.15 -20.04
N ASN B 282 -0.42 22.95 -21.09
CA ASN B 282 0.18 24.27 -20.96
C ASN B 282 -0.75 25.30 -20.31
N ILE B 283 -2.02 24.94 -20.17
CA ILE B 283 -2.97 25.86 -19.56
C ILE B 283 -2.92 25.72 -18.04
N PHE B 284 -2.25 24.67 -17.57
CA PHE B 284 -2.04 24.42 -16.14
C PHE B 284 -0.65 24.84 -15.70
N PRO B 285 -0.55 25.54 -14.55
CA PRO B 285 0.73 26.05 -14.05
C PRO B 285 1.59 24.96 -13.42
N VAL B 286 2.89 25.21 -13.33
CA VAL B 286 3.78 24.34 -12.56
C VAL B 286 3.74 24.74 -11.09
N ILE B 287 3.99 23.78 -10.21
CA ILE B 287 4.02 24.06 -8.78
C ILE B 287 5.41 23.78 -8.22
N SER B 288 5.98 24.78 -7.55
CA SER B 288 7.29 24.63 -6.93
C SER B 288 7.19 24.60 -5.41
N LEU B 289 7.71 23.52 -4.83
CA LEU B 289 7.79 23.41 -3.39
C LEU B 289 9.24 23.60 -2.94
N TYR B 290 9.49 24.63 -2.15
CA TYR B 290 10.82 24.86 -1.64
C TYR B 290 11.01 24.14 -0.30
N LEU B 291 12.05 23.32 -0.24
CA LEU B 291 12.38 22.55 0.95
C LEU B 291 13.63 23.07 1.63
N MET B 292 13.67 22.97 2.95
CA MET B 292 14.82 23.39 3.73
C MET B 292 16.07 22.63 3.28
N GLY B 293 17.17 23.36 3.10
CA GLY B 293 18.43 22.79 2.65
C GLY B 293 19.33 22.29 3.76
N GLU B 294 20.58 21.97 3.41
CA GLU B 294 21.54 21.41 4.37
CA GLU B 294 21.52 21.41 4.38
C GLU B 294 22.46 22.45 5.00
N VAL B 295 22.61 23.60 4.35
CA VAL B 295 23.48 24.66 4.87
C VAL B 295 22.68 25.92 5.17
N THR B 296 23.28 26.83 5.94
CA THR B 296 22.58 27.99 6.50
C THR B 296 21.93 28.86 5.42
N ASN B 297 20.66 29.19 5.64
CA ASN B 297 19.90 30.08 4.76
C ASN B 297 19.75 29.53 3.35
N GLN B 298 19.92 28.22 3.20
CA GLN B 298 19.85 27.62 1.87
C GLN B 298 18.70 26.63 1.76
N SER B 299 17.97 26.76 0.66
CA SER B 299 16.91 25.84 0.30
C SER B 299 17.09 25.32 -1.12
N PHE B 300 16.16 24.46 -1.54
CA PHE B 300 16.10 24.02 -2.93
C PHE B 300 14.63 23.79 -3.23
N ARG B 301 14.29 23.67 -4.51
CA ARG B 301 12.90 23.46 -4.88
C ARG B 301 12.69 22.25 -5.77
N ILE B 302 11.53 21.62 -5.60
CA ILE B 302 11.08 20.61 -6.54
C ILE B 302 9.87 21.19 -7.29
N THR B 303 9.90 21.06 -8.61
CA THR B 303 8.84 21.60 -9.44
C THR B 303 8.03 20.47 -10.04
N ILE B 304 6.71 20.51 -9.85
CA ILE B 304 5.87 19.45 -10.39
C ILE B 304 4.98 19.97 -11.53
N LEU B 305 4.84 19.14 -12.56
CA LEU B 305 4.05 19.48 -13.73
C LEU B 305 2.60 19.06 -13.54
N PRO B 306 1.69 19.66 -14.33
CA PRO B 306 0.28 19.23 -14.33
C PRO B 306 0.14 17.75 -14.66
N GLN B 307 1.10 17.19 -15.39
CA GLN B 307 1.10 15.77 -15.69
C GLN B 307 1.21 14.93 -14.41
N GLN B 308 1.60 15.57 -13.32
CA GLN B 308 1.70 14.90 -12.02
C GLN B 308 0.44 15.08 -11.17
N TYR B 309 -0.08 16.30 -11.10
CA TYR B 309 -1.23 16.55 -10.21
C TYR B 309 -2.58 16.43 -10.92
N LEU B 310 -2.53 16.04 -12.19
CA LEU B 310 -3.73 15.60 -12.90
C LEU B 310 -3.63 14.09 -13.12
N ARG B 311 -4.17 13.31 -12.19
CA ARG B 311 -4.01 11.86 -12.23
C ARG B 311 -4.92 11.18 -13.25
N PRO B 312 -4.32 10.37 -14.14
CA PRO B 312 -5.04 9.64 -15.18
C PRO B 312 -5.96 8.58 -14.58
N VAL B 313 -7.17 8.44 -15.12
CA VAL B 313 -8.12 7.47 -14.61
C VAL B 313 -8.65 6.54 -15.70
N ASP B 322 -8.98 10.67 -23.07
CA ASP B 322 -8.17 10.64 -21.86
C ASP B 322 -8.85 11.42 -20.72
N CYS B 323 -9.01 10.76 -19.58
CA CYS B 323 -9.72 11.33 -18.45
C CYS B 323 -8.81 11.45 -17.23
N TYR B 324 -8.98 12.53 -16.47
CA TYR B 324 -8.11 12.77 -15.33
C TYR B 324 -8.88 13.16 -14.09
N LYS B 325 -8.22 12.97 -12.95
CA LYS B 325 -8.76 13.39 -11.66
C LYS B 325 -7.76 14.33 -11.00
N PHE B 326 -8.27 15.42 -10.43
CA PHE B 326 -7.44 16.41 -9.75
C PHE B 326 -6.82 15.77 -8.50
N ALA B 327 -5.51 15.69 -8.48
CA ALA B 327 -4.81 14.95 -7.42
C ALA B 327 -4.18 15.87 -6.38
N ILE B 328 -4.79 17.03 -6.20
CA ILE B 328 -4.47 17.92 -5.09
C ILE B 328 -5.71 18.04 -4.23
N SER B 329 -5.59 17.69 -2.95
CA SER B 329 -6.76 17.70 -2.07
C SER B 329 -6.42 18.29 -0.72
N GLN B 330 -7.44 18.58 0.08
CA GLN B 330 -7.21 19.24 1.35
C GLN B 330 -6.98 18.25 2.49
N SER B 331 -6.28 18.71 3.52
CA SER B 331 -5.94 17.89 4.68
C SER B 331 -6.10 18.65 5.98
N SER B 332 -6.43 17.93 7.05
CA SER B 332 -6.44 18.52 8.38
C SER B 332 -5.41 17.83 9.27
N THR B 333 -4.48 17.13 8.65
CA THR B 333 -3.39 16.47 9.37
C THR B 333 -2.05 16.90 8.80
N GLY B 334 -2.02 18.04 8.12
CA GLY B 334 -0.78 18.59 7.57
C GLY B 334 -0.55 18.25 6.11
N THR B 335 0.60 18.68 5.59
CA THR B 335 0.95 18.42 4.21
C THR B 335 1.44 16.99 3.99
N VAL B 336 0.84 16.32 3.03
CA VAL B 336 1.27 14.99 2.64
C VAL B 336 1.75 14.98 1.20
N MET B 337 3.05 14.80 1.01
CA MET B 337 3.62 14.68 -0.32
C MET B 337 3.55 13.22 -0.76
N GLY B 338 2.51 12.92 -1.52
CA GLY B 338 2.24 11.54 -1.92
C GLY B 338 2.91 11.14 -3.21
N ALA B 339 2.39 10.09 -3.82
CA ALA B 339 2.97 9.51 -5.04
C ALA B 339 3.00 10.54 -6.16
N VAL B 340 2.01 11.41 -6.20
CA VAL B 340 1.91 12.46 -7.20
C VAL B 340 3.12 13.38 -7.18
N ILE B 341 3.66 13.63 -5.99
CA ILE B 341 4.87 14.43 -5.85
C ILE B 341 6.08 13.58 -6.17
N MET B 342 6.12 12.37 -5.63
CA MET B 342 7.28 11.49 -5.74
C MET B 342 7.53 10.94 -7.14
N GLU B 343 6.50 10.91 -7.98
CA GLU B 343 6.59 10.31 -9.32
C GLU B 343 7.63 10.94 -10.24
N GLY B 344 7.80 12.25 -10.13
CA GLY B 344 8.77 12.92 -10.99
C GLY B 344 10.19 12.79 -10.48
N PHE B 345 10.36 12.19 -9.31
CA PHE B 345 11.67 12.20 -8.67
C PHE B 345 12.18 10.85 -8.19
N TYR B 346 13.50 10.81 -7.99
CA TYR B 346 14.16 9.73 -7.28
C TYR B 346 14.36 10.20 -5.85
N VAL B 347 13.68 9.54 -4.91
CA VAL B 347 13.69 9.99 -3.53
C VAL B 347 14.51 9.08 -2.63
N VAL B 348 15.54 9.66 -2.02
CA VAL B 348 16.43 8.89 -1.16
C VAL B 348 16.10 9.11 0.31
N PHE B 349 15.80 8.02 1.01
CA PHE B 349 15.51 8.08 2.43
C PHE B 349 16.76 7.72 3.23
N ASP B 350 17.62 8.71 3.41
CA ASP B 350 18.89 8.55 4.11
C ASP B 350 18.68 8.63 5.61
N ARG B 351 18.19 7.53 6.20
CA ARG B 351 17.92 7.47 7.63
C ARG B 351 19.20 7.65 8.43
N ALA B 352 20.30 7.14 7.89
CA ALA B 352 21.60 7.18 8.57
C ALA B 352 22.05 8.61 8.80
N ARG B 353 21.76 9.49 7.84
CA ARG B 353 22.20 10.88 7.95
C ARG B 353 21.02 11.84 8.14
N LYS B 354 19.88 11.29 8.55
CA LYS B 354 18.68 12.07 8.88
C LYS B 354 18.29 13.08 7.80
N ARG B 355 18.19 12.62 6.56
CA ARG B 355 17.89 13.53 5.47
C ARG B 355 17.19 12.80 4.33
N ILE B 356 16.47 13.57 3.52
CA ILE B 356 15.79 13.01 2.38
C ILE B 356 16.28 13.68 1.10
N GLY B 357 16.72 12.87 0.14
CA GLY B 357 17.27 13.37 -1.10
C GLY B 357 16.29 13.37 -2.25
N PHE B 358 16.33 14.42 -3.06
CA PHE B 358 15.49 14.52 -4.24
C PHE B 358 16.34 14.70 -5.49
N ALA B 359 15.98 13.99 -6.55
CA ALA B 359 16.62 14.16 -7.84
C ALA B 359 15.61 13.85 -8.94
N VAL B 360 15.84 14.42 -10.12
CA VAL B 360 14.99 14.16 -11.28
C VAL B 360 15.06 12.69 -11.64
N SER B 361 13.90 12.04 -11.74
CA SER B 361 13.86 10.62 -12.01
C SER B 361 14.24 10.28 -13.45
N ALA B 362 14.74 9.06 -13.66
CA ALA B 362 15.05 8.54 -14.99
C ALA B 362 13.78 8.23 -15.77
N CYS B 363 12.71 7.96 -15.05
CA CYS B 363 11.37 7.83 -15.63
C CYS B 363 10.78 9.21 -15.48
N HIS B 364 11.48 10.13 -16.14
CA HIS B 364 11.31 11.57 -16.03
C HIS B 364 9.97 12.05 -16.61
N VAL B 365 9.33 12.96 -15.89
CA VAL B 365 8.08 13.54 -16.34
C VAL B 365 8.39 14.79 -17.13
N HIS B 366 8.02 14.80 -18.40
CA HIS B 366 8.21 16.01 -19.20
C HIS B 366 7.34 16.07 -20.45
N ASP B 367 6.95 17.28 -20.83
CA ASP B 367 6.33 17.51 -22.12
C ASP B 367 7.36 18.23 -22.98
N GLU B 368 6.94 18.77 -24.10
CA GLU B 368 7.87 19.34 -25.06
C GLU B 368 8.41 20.71 -24.60
N PHE B 369 7.69 21.39 -23.69
CA PHE B 369 8.11 22.74 -23.29
C PHE B 369 8.51 22.84 -21.82
N ARG B 370 8.16 21.84 -21.01
CA ARG B 370 8.45 21.88 -19.58
C ARG B 370 8.88 20.53 -19.01
N THR B 371 9.59 20.58 -17.89
CA THR B 371 10.08 19.37 -17.24
C THR B 371 10.03 19.49 -15.72
N ALA B 372 9.80 18.36 -15.06
CA ALA B 372 9.93 18.31 -13.60
C ALA B 372 11.39 18.54 -13.26
N ALA B 373 11.65 19.27 -12.18
CA ALA B 373 13.02 19.66 -11.88
C ALA B 373 13.30 19.69 -10.38
N VAL B 374 14.57 19.49 -10.05
CA VAL B 374 15.06 19.74 -8.70
C VAL B 374 16.15 20.79 -8.83
N GLU B 375 15.91 21.97 -8.28
CA GLU B 375 16.80 23.10 -8.52
C GLU B 375 17.28 23.76 -7.25
N GLY B 376 18.54 24.17 -7.25
CA GLY B 376 19.15 24.87 -6.15
C GLY B 376 20.55 25.32 -6.52
N PRO B 377 21.23 26.05 -5.61
CA PRO B 377 20.68 26.43 -4.31
C PRO B 377 19.84 27.70 -4.39
N PHE B 378 18.96 27.90 -3.42
CA PHE B 378 18.24 29.14 -3.28
C PHE B 378 18.51 29.68 -1.87
N VAL B 379 18.38 30.99 -1.69
CA VAL B 379 18.50 31.57 -0.37
C VAL B 379 17.13 31.81 0.27
N THR B 380 16.94 31.28 1.47
CA THR B 380 15.71 31.48 2.23
C THR B 380 16.09 31.82 3.67
N LEU B 381 15.55 32.91 4.19
CA LEU B 381 15.82 33.32 5.56
C LEU B 381 14.84 32.69 6.56
N ASP B 382 15.28 32.55 7.81
CA ASP B 382 14.44 32.02 8.90
C ASP B 382 13.68 30.75 8.54
N MET B 383 14.37 29.76 7.99
CA MET B 383 13.71 28.53 7.55
C MET B 383 13.12 27.70 8.70
N GLU B 384 13.80 27.67 9.84
CA GLU B 384 13.33 26.88 10.98
C GLU B 384 12.03 27.43 11.58
N ASP B 385 11.76 28.71 11.32
CA ASP B 385 10.54 29.35 11.76
C ASP B 385 9.32 28.81 11.02
N CYS B 386 9.55 28.04 9.95
CA CYS B 386 8.46 27.56 9.12
C CYS B 386 7.95 26.25 9.71
N GLY B 387 8.74 25.65 10.59
CA GLY B 387 8.31 24.45 11.27
C GLY B 387 7.25 24.81 12.29
N TYR B 388 6.14 24.07 12.26
CA TYR B 388 5.07 24.30 13.23
C TYR B 388 5.37 23.63 14.57
N ASN B 389 5.08 24.36 15.64
CA ASN B 389 5.17 23.83 16.98
C ASN B 389 3.81 23.88 17.67
N ILE B 390 3.45 22.75 18.30
CA ILE B 390 2.19 22.56 19.03
C ILE B 390 1.53 23.83 19.57
N SER C 2 -16.60 -6.51 10.77
CA SER C 2 -17.52 -6.42 11.90
C SER C 2 -17.46 -5.07 12.58
N PHE C 3 -16.56 -4.96 13.53
CA PHE C 3 -16.52 -3.86 14.46
C PHE C 3 -15.30 -2.97 14.31
N VAL C 4 -14.44 -3.28 13.37
CA VAL C 4 -13.21 -2.52 13.23
C VAL C 4 -13.46 -1.03 12.91
N GLU C 5 -14.60 -0.75 12.29
CA GLU C 5 -14.96 0.63 11.95
C GLU C 5 -15.29 1.45 13.21
N MET C 6 -15.53 0.78 14.33
CA MET C 6 -15.90 1.48 15.56
C MET C 6 -14.73 1.60 16.54
N VAL C 7 -13.59 1.03 16.18
CA VAL C 7 -12.41 1.14 17.03
C VAL C 7 -11.89 2.57 17.00
N ASP C 8 -11.46 3.07 18.16
CA ASP C 8 -10.87 4.40 18.28
C ASP C 8 -11.87 5.53 17.95
N ASN C 9 -13.15 5.30 18.21
CA ASN C 9 -14.18 6.30 17.92
C ASN C 9 -14.46 7.24 19.09
N LEU C 10 -13.67 7.14 20.15
CA LEU C 10 -13.84 7.99 21.33
C LEU C 10 -12.66 8.95 21.50
N ARG C 11 -12.98 10.19 21.84
CA ARG C 11 -11.95 11.19 22.15
C ARG C 11 -12.30 11.90 23.45
N GLY C 12 -11.35 12.68 23.96
CA GLY C 12 -11.59 13.46 25.16
C GLY C 12 -10.34 14.09 25.75
N LYS C 13 -10.56 14.92 26.77
CA LYS C 13 -9.46 15.47 27.56
C LYS C 13 -9.56 14.89 28.96
N SER C 14 -8.41 14.71 29.59
CA SER C 14 -8.34 14.08 30.91
C SER C 14 -9.23 14.79 31.94
N GLY C 15 -10.07 14.02 32.62
CA GLY C 15 -10.93 14.54 33.65
C GLY C 15 -12.17 15.24 33.12
N GLN C 16 -12.38 15.19 31.81
CA GLN C 16 -13.49 15.90 31.19
C GLN C 16 -14.36 14.97 30.35
N GLY C 17 -14.21 13.67 30.57
CA GLY C 17 -15.04 12.67 29.93
C GLY C 17 -14.63 12.26 28.53
N TYR C 18 -15.24 11.17 28.05
CA TYR C 18 -15.01 10.66 26.70
C TYR C 18 -16.24 10.94 25.85
N TYR C 19 -16.02 11.36 24.61
CA TYR C 19 -17.15 11.64 23.73
C TYR C 19 -17.06 10.91 22.39
N VAL C 20 -18.22 10.65 21.80
CA VAL C 20 -18.31 10.03 20.49
C VAL C 20 -18.97 11.04 19.53
N GLU C 21 -18.64 10.94 18.25
CA GLU C 21 -19.27 11.81 17.26
C GLU C 21 -20.64 11.27 16.87
N MET C 22 -21.64 12.13 16.89
CA MET C 22 -22.98 11.78 16.46
C MET C 22 -23.54 12.83 15.50
N THR C 23 -24.60 12.48 14.79
CA THR C 23 -25.33 13.45 13.99
C THR C 23 -26.80 13.40 14.38
N VAL C 24 -27.44 14.56 14.41
CA VAL C 24 -28.87 14.64 14.70
C VAL C 24 -29.60 15.51 13.68
N GLY C 25 -30.82 15.13 13.34
CA GLY C 25 -31.67 15.95 12.49
C GLY C 25 -31.48 15.74 11.00
N SER C 26 -32.39 16.33 10.23
CA SER C 26 -32.32 16.30 8.77
C SER C 26 -32.40 17.72 8.23
N PRO C 27 -31.31 18.20 7.59
CA PRO C 27 -30.05 17.52 7.33
C PRO C 27 -29.22 17.29 8.59
N PRO C 28 -28.29 16.32 8.57
CA PRO C 28 -27.55 15.93 9.78
C PRO C 28 -26.70 17.06 10.36
N GLN C 29 -26.80 17.25 11.67
CA GLN C 29 -25.95 18.20 12.38
C GLN C 29 -24.95 17.45 13.23
N THR C 30 -23.66 17.71 13.02
CA THR C 30 -22.61 16.97 13.69
C THR C 30 -22.27 17.54 15.06
N LEU C 31 -22.30 16.69 16.08
CA LEU C 31 -22.00 17.10 17.44
C LEU C 31 -21.17 16.04 18.16
N ASN C 32 -20.33 16.48 19.09
CA ASN C 32 -19.59 15.57 19.95
C ASN C 32 -20.35 15.30 21.25
N ILE C 33 -20.67 14.04 21.48
CA ILE C 33 -21.56 13.65 22.57
C ILE C 33 -20.84 12.80 23.61
N LEU C 34 -20.90 13.26 24.86
CA LEU C 34 -20.31 12.55 25.98
C LEU C 34 -20.92 11.16 26.18
N VAL C 35 -20.06 10.18 26.42
CA VAL C 35 -20.49 8.80 26.64
C VAL C 35 -20.59 8.52 28.14
N ASP C 36 -21.82 8.37 28.63
CA ASP C 36 -22.08 8.29 30.08
C ASP C 36 -22.97 7.10 30.45
N THR C 37 -22.37 6.09 31.10
CA THR C 37 -23.12 4.94 31.56
C THR C 37 -23.75 5.20 32.93
N GLY C 38 -23.56 6.42 33.44
CA GLY C 38 -24.10 6.78 34.74
C GLY C 38 -25.43 7.51 34.69
N SER C 39 -25.97 7.69 33.48
CA SER C 39 -27.27 8.32 33.32
C SER C 39 -28.02 7.73 32.12
N SER C 40 -29.22 8.22 31.85
CA SER C 40 -30.07 7.61 30.83
C SER C 40 -30.77 8.61 29.92
N ASN C 41 -30.33 9.86 29.96
CA ASN C 41 -30.90 10.89 29.11
C ASN C 41 -29.97 11.26 27.96
N PHE C 42 -30.53 11.34 26.76
CA PHE C 42 -29.81 11.86 25.61
C PHE C 42 -30.13 13.35 25.47
N ALA C 43 -29.11 14.19 25.61
CA ALA C 43 -29.32 15.63 25.58
C ALA C 43 -28.19 16.38 24.87
N VAL C 44 -28.54 17.49 24.24
CA VAL C 44 -27.57 18.30 23.51
C VAL C 44 -27.79 19.79 23.76
N GLY C 45 -26.71 20.55 23.74
CA GLY C 45 -26.80 22.00 23.80
C GLY C 45 -27.60 22.48 22.61
N ALA C 46 -28.61 23.30 22.86
CA ALA C 46 -29.49 23.76 21.79
C ALA C 46 -29.59 25.28 21.78
N ALA C 47 -28.66 25.93 22.46
CA ALA C 47 -28.64 27.38 22.56
C ALA C 47 -27.21 27.85 22.76
N PRO C 48 -26.92 29.12 22.40
CA PRO C 48 -25.56 29.64 22.58
C PRO C 48 -25.08 29.57 24.02
N HIS C 49 -23.83 29.18 24.19
CA HIS C 49 -23.21 29.09 25.51
C HIS C 49 -21.72 29.38 25.34
N PRO C 50 -21.11 30.05 26.31
CA PRO C 50 -19.69 30.41 26.22
C PRO C 50 -18.75 29.23 25.95
N PHE C 51 -19.12 28.05 26.42
CA PHE C 51 -18.24 26.89 26.33
C PHE C 51 -18.60 25.97 25.15
N LEU C 52 -19.64 26.33 24.41
CA LEU C 52 -20.09 25.50 23.29
C LEU C 52 -19.57 25.98 21.94
N HIS C 53 -18.84 25.12 21.25
CA HIS C 53 -18.40 25.36 19.88
C HIS C 53 -19.58 25.32 18.92
N ARG C 54 -20.50 24.39 19.19
CA ARG C 54 -21.63 24.12 18.31
C ARG C 54 -22.83 23.81 19.16
N TYR C 55 -24.01 23.85 18.56
CA TYR C 55 -25.20 23.41 19.27
C TYR C 55 -26.29 22.97 18.30
N TYR C 56 -27.26 22.26 18.85
CA TYR C 56 -28.37 21.71 18.09
C TYR C 56 -29.37 22.79 17.71
N GLN C 57 -29.61 22.95 16.41
CA GLN C 57 -30.58 23.94 15.95
C GLN C 57 -31.83 23.24 15.45
N ARG C 58 -32.82 23.14 16.33
CA ARG C 58 -34.08 22.47 16.02
C ARG C 58 -34.76 23.12 14.82
N GLN C 59 -34.59 24.43 14.71
CA GLN C 59 -35.19 25.23 13.66
C GLN C 59 -34.73 24.79 12.27
N LEU C 60 -33.50 24.29 12.18
CA LEU C 60 -32.92 23.88 10.91
C LEU C 60 -33.14 22.40 10.60
N SER C 61 -33.94 21.71 11.41
CA SER C 61 -34.17 20.28 11.21
C SER C 61 -35.62 19.99 10.82
N SER C 62 -35.80 19.39 9.65
CA SER C 62 -37.13 19.06 9.15
C SER C 62 -37.77 17.90 9.90
N THR C 63 -36.95 17.00 10.42
CA THR C 63 -37.44 15.79 11.06
C THR C 63 -37.66 15.97 12.56
N TYR C 64 -37.29 17.12 13.08
CA TYR C 64 -37.46 17.40 14.51
C TYR C 64 -38.94 17.46 14.89
N ARG C 65 -39.27 16.85 16.03
CA ARG C 65 -40.62 16.90 16.57
C ARG C 65 -40.54 17.39 18.00
N ASP C 66 -41.44 18.28 18.38
CA ASP C 66 -41.44 18.83 19.73
C ASP C 66 -42.41 18.03 20.60
N LEU C 67 -41.95 17.65 21.79
CA LEU C 67 -42.80 16.92 22.72
C LEU C 67 -43.50 17.86 23.70
N ARG C 68 -43.12 19.13 23.66
CA ARG C 68 -43.76 20.19 24.45
C ARG C 68 -43.76 19.87 25.95
N LYS C 69 -42.63 19.35 26.43
CA LYS C 69 -42.41 19.12 27.85
C LYS C 69 -41.01 19.59 28.26
N GLY C 70 -40.90 20.17 29.45
CA GLY C 70 -39.62 20.55 30.01
C GLY C 70 -39.03 19.39 30.79
N VAL C 71 -37.75 19.49 31.13
CA VAL C 71 -37.10 18.46 31.94
C VAL C 71 -35.87 19.04 32.62
N TYR C 72 -35.57 18.55 33.82
CA TYR C 72 -34.38 18.94 34.54
C TYR C 72 -33.62 17.68 34.92
N VAL C 73 -32.31 17.72 34.71
CA VAL C 73 -31.45 16.59 35.08
C VAL C 73 -30.24 17.06 35.87
N PRO C 74 -30.13 16.57 37.11
CA PRO C 74 -29.00 16.83 38.01
C PRO C 74 -27.96 15.71 37.97
N TYR C 75 -26.70 16.10 37.89
CA TYR C 75 -25.59 15.14 37.95
C TYR C 75 -24.80 15.40 39.23
N THR C 76 -23.87 14.49 39.56
CA THR C 76 -22.98 14.73 40.69
C THR C 76 -22.18 16.00 40.41
N GLN C 77 -21.83 16.19 39.15
CA GLN C 77 -21.24 17.44 38.70
C GLN C 77 -22.09 18.06 37.60
N GLY C 78 -22.65 19.23 37.87
CA GLY C 78 -23.42 19.96 36.89
C GLY C 78 -24.87 19.56 36.79
N LYS C 79 -25.64 20.38 36.08
CA LYS C 79 -27.07 20.16 35.89
C LYS C 79 -27.58 21.05 34.77
N TRP C 80 -28.64 20.61 34.10
CA TRP C 80 -29.21 21.39 33.03
C TRP C 80 -30.73 21.24 32.95
N GLU C 81 -31.35 22.13 32.19
CA GLU C 81 -32.75 22.00 31.85
C GLU C 81 -32.90 22.12 30.35
N GLY C 82 -33.95 21.53 29.81
CA GLY C 82 -34.15 21.59 28.38
C GLY C 82 -35.54 21.19 27.95
N GLU C 83 -35.76 21.14 26.64
CA GLU C 83 -37.05 20.79 26.08
C GLU C 83 -36.98 19.40 25.45
N LEU C 84 -37.96 18.58 25.79
CA LEU C 84 -38.02 17.23 25.26
C LEU C 84 -38.54 17.25 23.82
N GLY C 85 -37.95 16.43 22.98
CA GLY C 85 -38.34 16.32 21.59
C GLY C 85 -37.79 15.03 21.00
N THR C 86 -38.03 14.82 19.71
CA THR C 86 -37.51 13.65 19.01
C THR C 86 -36.93 14.07 17.67
N ASP C 87 -35.94 13.32 17.21
CA ASP C 87 -35.31 13.58 15.93
C ASP C 87 -34.57 12.34 15.45
N LEU C 88 -34.09 12.36 14.21
CA LEU C 88 -33.33 11.23 13.70
C LEU C 88 -31.87 11.35 14.14
N VAL C 89 -31.30 10.23 14.58
CA VAL C 89 -29.95 10.22 15.11
C VAL C 89 -29.08 9.18 14.41
N SER C 90 -27.82 9.53 14.17
CA SER C 90 -26.87 8.59 13.61
C SER C 90 -25.53 8.67 14.33
N ILE C 91 -24.75 7.59 14.21
CA ILE C 91 -23.38 7.56 14.72
C ILE C 91 -22.44 7.22 13.59
N PRO C 92 -21.76 8.24 13.05
CA PRO C 92 -20.85 8.12 11.89
C PRO C 92 -19.88 6.95 12.03
N HIS C 93 -19.13 6.91 13.12
CA HIS C 93 -18.21 5.80 13.38
C HIS C 93 -18.86 4.76 14.28
N GLY C 94 -20.07 4.37 13.93
CA GLY C 94 -20.79 3.34 14.65
C GLY C 94 -21.52 2.44 13.68
N PRO C 95 -22.60 1.79 14.14
CA PRO C 95 -23.38 0.97 13.20
C PRO C 95 -24.06 1.87 12.18
N ASN C 96 -24.10 1.43 10.92
CA ASN C 96 -24.72 2.24 9.87
C ASN C 96 -26.23 2.19 9.93
N VAL C 97 -26.80 2.87 10.93
CA VAL C 97 -28.25 2.93 11.09
C VAL C 97 -28.70 4.33 11.46
N THR C 98 -29.99 4.58 11.28
CA THR C 98 -30.58 5.84 11.72
C THR C 98 -31.81 5.53 12.55
N VAL C 99 -31.87 6.10 13.75
CA VAL C 99 -32.98 5.84 14.65
C VAL C 99 -33.65 7.15 15.05
N ARG C 100 -34.94 7.08 15.38
CA ARG C 100 -35.64 8.21 15.98
C ARG C 100 -35.57 8.07 17.49
N ALA C 101 -34.97 9.04 18.16
CA ALA C 101 -34.76 8.95 19.60
C ALA C 101 -35.21 10.22 20.31
N ASN C 102 -35.54 10.06 21.59
CA ASN C 102 -35.82 11.21 22.44
C ASN C 102 -34.58 12.06 22.61
N ILE C 103 -34.74 13.37 22.46
CA ILE C 103 -33.64 14.31 22.65
C ILE C 103 -34.07 15.46 23.54
N ALA C 104 -33.27 15.76 24.55
CA ALA C 104 -33.51 16.94 25.38
C ALA C 104 -32.67 18.09 24.85
N ALA C 105 -33.34 19.16 24.42
CA ALA C 105 -32.66 20.33 23.92
C ALA C 105 -32.28 21.26 25.06
N ILE C 106 -31.03 21.20 25.49
CA ILE C 106 -30.57 21.98 26.64
C ILE C 106 -30.60 23.50 26.38
N THR C 107 -31.38 24.20 27.19
CA THR C 107 -31.55 25.65 27.05
C THR C 107 -30.87 26.42 28.18
N GLU C 108 -30.71 25.77 29.33
CA GLU C 108 -29.99 26.35 30.44
C GLU C 108 -29.20 25.28 31.19
N SER C 109 -28.08 25.68 31.77
CA SER C 109 -27.21 24.74 32.45
C SER C 109 -26.40 25.44 33.54
N ASP C 110 -25.95 24.66 34.51
CA ASP C 110 -25.13 25.18 35.59
C ASP C 110 -23.96 24.22 35.84
N LYS C 111 -22.75 24.67 35.51
CA LYS C 111 -21.53 23.88 35.70
C LYS C 111 -21.58 22.53 35.00
N PHE C 112 -22.30 22.45 33.88
CA PHE C 112 -22.39 21.21 33.12
C PHE C 112 -21.35 21.20 32.00
N PHE C 113 -21.47 22.15 31.08
CA PHE C 113 -20.51 22.25 29.99
C PHE C 113 -19.15 22.69 30.51
N ILE C 114 -18.09 22.15 29.92
CA ILE C 114 -16.74 22.42 30.37
C ILE C 114 -15.97 23.19 29.31
N ASN C 115 -15.32 24.27 29.73
CA ASN C 115 -14.57 25.10 28.81
C ASN C 115 -13.45 24.32 28.11
N GLY C 116 -13.58 24.16 26.79
CA GLY C 116 -12.58 23.45 26.01
C GLY C 116 -12.70 21.95 25.97
N SER C 117 -13.80 21.41 26.50
CA SER C 117 -13.98 19.95 26.52
C SER C 117 -14.19 19.42 25.10
N ASN C 118 -14.77 20.26 24.25
CA ASN C 118 -15.10 19.91 22.88
C ASN C 118 -16.24 18.89 22.72
N TRP C 119 -17.04 18.70 23.77
CA TRP C 119 -18.30 17.98 23.58
C TRP C 119 -19.46 18.93 23.86
N GLU C 120 -20.57 18.69 23.19
CA GLU C 120 -21.71 19.60 23.26
C GLU C 120 -22.96 18.89 23.75
N GLY C 121 -22.83 17.61 24.09
CA GLY C 121 -23.96 16.85 24.57
C GLY C 121 -23.56 15.65 25.41
N ILE C 122 -24.56 14.90 25.84
CA ILE C 122 -24.31 13.74 26.69
C ILE C 122 -25.23 12.59 26.25
N LEU C 123 -24.67 11.38 26.21
CA LEU C 123 -25.42 10.19 25.85
C LEU C 123 -25.54 9.25 27.04
N GLY C 124 -26.71 9.25 27.67
CA GLY C 124 -26.96 8.38 28.79
C GLY C 124 -27.22 6.95 28.35
N LEU C 125 -26.34 6.04 28.76
CA LEU C 125 -26.41 4.67 28.28
C LEU C 125 -27.03 3.70 29.29
N ALA C 126 -27.45 4.21 30.44
CA ALA C 126 -28.10 3.36 31.44
C ALA C 126 -29.59 3.16 31.13
N TYR C 127 -30.31 2.55 32.07
CA TYR C 127 -31.68 2.10 31.82
C TYR C 127 -32.75 3.15 32.11
N ALA C 128 -33.98 2.85 31.67
CA ALA C 128 -35.09 3.80 31.74
C ALA C 128 -35.44 4.21 33.15
N GLU C 129 -35.19 3.33 34.12
CA GLU C 129 -35.60 3.59 35.50
C GLU C 129 -35.08 4.90 36.08
N ILE C 130 -33.93 5.36 35.60
CA ILE C 130 -33.35 6.59 36.14
C ILE C 130 -33.38 7.73 35.13
N ALA C 131 -34.15 7.56 34.06
CA ALA C 131 -34.32 8.62 33.08
C ALA C 131 -35.23 9.72 33.63
N ARG C 132 -34.95 10.97 33.26
CA ARG C 132 -35.82 12.08 33.64
C ARG C 132 -36.69 12.47 32.45
N PRO C 133 -37.95 12.85 32.72
CA PRO C 133 -38.61 12.98 34.02
C PRO C 133 -39.00 11.65 34.67
N ASP C 134 -39.22 10.62 33.86
CA ASP C 134 -39.54 9.29 34.40
C ASP C 134 -39.17 8.21 33.39
N ASP C 135 -39.47 6.96 33.71
CA ASP C 135 -39.00 5.84 32.90
C ASP C 135 -39.82 5.60 31.63
N SER C 136 -40.75 6.50 31.32
CA SER C 136 -41.50 6.40 30.08
C SER C 136 -40.72 7.06 28.95
N LEU C 137 -39.74 7.88 29.31
CA LEU C 137 -38.86 8.46 28.31
C LEU C 137 -37.79 7.44 27.92
N GLU C 138 -38.04 6.72 26.83
CA GLU C 138 -37.16 5.67 26.37
C GLU C 138 -35.75 6.20 26.09
N PRO C 139 -34.74 5.62 26.76
CA PRO C 139 -33.34 5.99 26.53
C PRO C 139 -32.88 5.64 25.12
N PHE C 140 -31.78 6.23 24.67
CA PHE C 140 -31.32 6.06 23.30
C PHE C 140 -31.05 4.61 22.90
N PHE C 141 -30.30 3.89 23.74
CA PHE C 141 -29.87 2.55 23.38
C PHE C 141 -31.05 1.60 23.25
N ASP C 142 -32.10 1.85 24.03
CA ASP C 142 -33.32 1.06 23.92
C ASP C 142 -33.99 1.30 22.56
N SER C 143 -34.01 2.57 22.13
CA SER C 143 -34.56 2.92 20.82
C SER C 143 -33.75 2.28 19.70
N LEU C 144 -32.43 2.30 19.84
CA LEU C 144 -31.52 1.72 18.85
C LEU C 144 -31.78 0.23 18.63
N VAL C 145 -31.88 -0.52 19.73
CA VAL C 145 -32.07 -1.96 19.67
C VAL C 145 -33.46 -2.33 19.13
N LYS C 146 -34.45 -1.56 19.55
CA LYS C 146 -35.83 -1.81 19.16
C LYS C 146 -36.04 -1.53 17.67
N GLN C 147 -35.46 -0.44 17.19
CA GLN C 147 -35.64 0.00 15.81
C GLN C 147 -34.69 -0.66 14.80
N THR C 148 -33.67 -1.37 15.29
CA THR C 148 -32.69 -1.99 14.39
C THR C 148 -32.41 -3.44 14.78
N HIS C 149 -31.48 -4.06 14.06
CA HIS C 149 -31.07 -5.42 14.38
C HIS C 149 -29.78 -5.45 15.20
N VAL C 150 -29.38 -4.29 15.68
CA VAL C 150 -28.19 -4.17 16.52
C VAL C 150 -28.38 -4.94 17.83
N PRO C 151 -27.45 -5.87 18.13
CA PRO C 151 -27.52 -6.68 19.35
C PRO C 151 -27.52 -5.82 20.62
N ASN C 152 -28.25 -6.28 21.63
CA ASN C 152 -28.41 -5.51 22.86
C ASN C 152 -27.20 -5.56 23.79
N LEU C 153 -26.10 -4.96 23.35
CA LEU C 153 -24.89 -4.91 24.15
C LEU C 153 -23.94 -3.88 23.55
N PHE C 154 -23.10 -3.30 24.40
CA PHE C 154 -22.02 -2.44 23.94
C PHE C 154 -20.84 -2.60 24.86
N SER C 155 -19.66 -2.25 24.38
CA SER C 155 -18.45 -2.40 25.17
C SER C 155 -17.59 -1.14 25.10
N LEU C 156 -16.91 -0.84 26.20
CA LEU C 156 -16.11 0.37 26.29
C LEU C 156 -14.66 0.06 26.59
N GLN C 157 -13.78 0.58 25.74
CA GLN C 157 -12.34 0.55 25.97
C GLN C 157 -11.87 1.99 26.20
N LEU C 158 -11.78 2.41 27.45
CA LEU C 158 -11.32 3.76 27.76
C LEU C 158 -9.82 3.74 28.02
N CYS C 159 -9.08 4.55 27.26
CA CYS C 159 -7.63 4.59 27.42
C CYS C 159 -7.16 5.88 28.12
N GLY C 160 -6.17 5.74 28.98
CA GLY C 160 -5.63 6.87 29.71
C GLY C 160 -4.59 7.63 28.90
N SER C 173 -5.07 14.66 26.94
CA SER C 173 -5.87 14.15 25.84
C SER C 173 -5.95 12.63 25.88
N VAL C 174 -7.15 12.09 25.65
CA VAL C 174 -7.39 10.64 25.74
C VAL C 174 -8.15 10.10 24.54
N GLY C 175 -8.17 8.78 24.42
CA GLY C 175 -8.89 8.12 23.34
C GLY C 175 -9.47 6.81 23.82
N GLY C 176 -10.22 6.14 22.95
CA GLY C 176 -10.79 4.85 23.29
C GLY C 176 -11.77 4.36 22.25
N SER C 177 -12.46 3.26 22.57
CA SER C 177 -13.39 2.66 21.62
C SER C 177 -14.76 2.39 22.26
N MET C 178 -15.81 2.70 21.52
CA MET C 178 -17.14 2.26 21.90
C MET C 178 -17.67 1.32 20.83
N ILE C 179 -17.65 0.02 21.12
CA ILE C 179 -18.15 -0.95 20.18
C ILE C 179 -19.64 -1.18 20.43
N ILE C 180 -20.45 -0.71 19.51
CA ILE C 180 -21.90 -0.83 19.63
C ILE C 180 -22.40 -2.12 18.98
N GLY C 181 -23.03 -2.97 19.78
CA GLY C 181 -23.65 -4.18 19.28
C GLY C 181 -22.75 -5.41 19.31
N GLY C 182 -21.60 -5.32 19.98
CA GLY C 182 -20.71 -6.45 20.04
C GLY C 182 -19.42 -6.29 20.80
N ILE C 183 -18.54 -7.27 20.64
CA ILE C 183 -17.26 -7.33 21.32
C ILE C 183 -16.11 -7.44 20.30
N ASP C 184 -15.12 -6.56 20.41
CA ASP C 184 -13.98 -6.59 19.50
C ASP C 184 -12.77 -7.23 20.21
N HIS C 185 -12.35 -8.38 19.71
CA HIS C 185 -11.34 -9.20 20.38
C HIS C 185 -9.93 -8.61 20.30
N SER C 186 -9.71 -7.66 19.42
CA SER C 186 -8.39 -7.03 19.30
C SER C 186 -8.19 -5.98 20.39
N LEU C 187 -9.24 -5.73 21.16
CA LEU C 187 -9.22 -4.66 22.15
C LEU C 187 -8.86 -5.16 23.55
N TYR C 188 -8.70 -6.47 23.70
CA TYR C 188 -8.36 -7.03 25.01
C TYR C 188 -7.53 -8.30 24.91
N THR C 189 -6.90 -8.64 26.02
CA THR C 189 -6.15 -9.89 26.15
C THR C 189 -6.70 -10.71 27.32
N GLY C 190 -6.44 -12.01 27.31
CA GLY C 190 -6.92 -12.88 28.37
C GLY C 190 -8.40 -13.15 28.24
N SER C 191 -9.02 -13.56 29.35
CA SER C 191 -10.44 -13.92 29.32
C SER C 191 -11.34 -12.80 29.84
N LEU C 192 -12.58 -12.79 29.37
CA LEU C 192 -13.61 -11.91 29.94
C LEU C 192 -14.23 -12.56 31.16
N TRP C 193 -14.34 -11.78 32.23
CA TRP C 193 -14.97 -12.23 33.47
C TRP C 193 -16.23 -11.43 33.71
N TYR C 194 -17.35 -12.11 33.97
CA TYR C 194 -18.63 -11.43 34.07
C TYR C 194 -19.18 -11.34 35.49
N THR C 195 -19.73 -10.17 35.81
CA THR C 195 -20.41 -9.93 37.07
C THR C 195 -21.86 -9.53 36.77
N PRO C 196 -22.81 -10.00 37.59
CA PRO C 196 -24.23 -9.73 37.31
C PRO C 196 -24.63 -8.27 37.45
N ILE C 197 -25.49 -7.80 36.56
CA ILE C 197 -26.19 -6.55 36.78
C ILE C 197 -27.30 -6.84 37.78
N ARG C 198 -27.20 -6.27 38.97
CA ARG C 198 -28.12 -6.61 40.06
C ARG C 198 -29.57 -6.22 39.73
N ARG C 199 -29.74 -5.02 39.21
CA ARG C 199 -31.04 -4.44 38.87
C ARG C 199 -30.80 -3.45 37.74
N GLU C 200 -31.66 -3.42 36.74
CA GLU C 200 -31.44 -2.53 35.60
C GLU C 200 -31.88 -1.07 35.78
N TRP C 201 -31.07 -0.25 36.42
CA TRP C 201 -31.31 1.15 36.55
C TRP C 201 -30.05 1.91 36.25
N TYR C 202 -29.17 2.06 37.23
CA TYR C 202 -27.75 2.25 36.94
C TYR C 202 -27.19 0.89 36.53
N TYR C 203 -25.94 0.85 36.08
CA TYR C 203 -25.27 -0.43 35.91
C TYR C 203 -24.72 -0.82 37.27
N GLU C 204 -25.58 -1.40 38.11
CA GLU C 204 -25.19 -1.72 39.48
C GLU C 204 -24.55 -3.09 39.53
N VAL C 205 -23.46 -3.19 40.30
CA VAL C 205 -22.80 -4.46 40.52
C VAL C 205 -22.56 -4.65 42.01
N ILE C 206 -21.99 -5.80 42.37
CA ILE C 206 -21.74 -6.08 43.78
C ILE C 206 -20.27 -6.32 44.03
N ILE C 207 -19.67 -5.45 44.83
CA ILE C 207 -18.30 -5.65 45.30
C ILE C 207 -18.31 -6.53 46.53
N VAL C 208 -17.57 -7.64 46.48
CA VAL C 208 -17.63 -8.62 47.55
C VAL C 208 -16.40 -8.64 48.44
N ARG C 209 -15.33 -7.98 48.01
CA ARG C 209 -14.09 -7.95 48.76
C ARG C 209 -13.17 -6.86 48.25
N VAL C 210 -12.45 -6.21 49.16
CA VAL C 210 -11.46 -5.20 48.78
C VAL C 210 -10.11 -5.48 49.43
N GLU C 211 -9.05 -5.47 48.62
CA GLU C 211 -7.68 -5.65 49.12
C GLU C 211 -6.75 -4.54 48.68
N ILE C 212 -5.92 -4.07 49.61
CA ILE C 212 -4.88 -3.10 49.29
C ILE C 212 -3.51 -3.75 49.51
N ASN C 213 -2.74 -3.88 48.43
CA ASN C 213 -1.46 -4.58 48.46
C ASN C 213 -1.60 -6.00 49.01
N GLY C 214 -2.71 -6.63 48.67
CA GLY C 214 -2.95 -8.01 49.04
C GLY C 214 -3.59 -8.20 50.40
N GLN C 215 -3.83 -7.09 51.09
CA GLN C 215 -4.40 -7.15 52.44
C GLN C 215 -5.86 -6.73 52.45
N ASP C 216 -6.69 -7.56 53.07
CA ASP C 216 -8.12 -7.33 53.18
C ASP C 216 -8.40 -6.07 54.00
N LEU C 217 -9.32 -5.24 53.51
CA LEU C 217 -9.77 -4.07 54.24
C LEU C 217 -10.52 -4.52 55.49
N LYS C 218 -10.97 -5.77 55.44
CA LYS C 218 -11.64 -6.42 56.57
C LYS C 218 -12.83 -5.60 57.05
N MET C 219 -13.68 -5.20 56.11
CA MET C 219 -14.93 -4.53 56.44
C MET C 219 -16.13 -5.41 56.10
N ASP C 220 -17.27 -5.09 56.70
CA ASP C 220 -18.53 -5.71 56.33
C ASP C 220 -18.75 -5.44 54.83
N CYS C 221 -19.07 -6.49 54.10
CA CYS C 221 -19.13 -6.41 52.63
C CYS C 221 -20.25 -5.48 52.16
N LYS C 222 -21.22 -5.24 53.02
CA LYS C 222 -22.30 -4.31 52.74
C LYS C 222 -21.80 -2.86 52.66
N GLU C 223 -20.72 -2.57 53.37
CA GLU C 223 -20.14 -1.23 53.37
C GLU C 223 -19.63 -0.85 51.98
N TYR C 224 -19.10 -1.84 51.26
CA TYR C 224 -18.57 -1.60 49.92
C TYR C 224 -19.65 -1.17 48.94
N ASN C 225 -20.86 -1.67 49.16
CA ASN C 225 -21.97 -1.34 48.29
C ASN C 225 -23.03 -0.53 49.04
N TYR C 226 -22.60 0.15 50.10
CA TYR C 226 -23.51 0.95 50.90
C TYR C 226 -24.23 1.98 50.05
N ASP C 227 -25.55 1.81 49.99
CA ASP C 227 -26.45 2.39 49.00
C ASP C 227 -26.35 1.56 47.72
N LYS C 228 -25.25 1.69 47.00
CA LYS C 228 -25.05 0.94 45.75
C LYS C 228 -23.61 1.03 45.22
N SER C 229 -23.32 0.18 44.24
CA SER C 229 -22.04 0.25 43.51
C SER C 229 -22.36 0.23 42.02
N ILE C 230 -21.87 1.23 41.29
CA ILE C 230 -22.21 1.34 39.87
C ILE C 230 -20.99 1.53 38.98
N VAL C 231 -21.15 1.18 37.71
CA VAL C 231 -20.10 1.43 36.72
C VAL C 231 -20.48 2.66 35.91
N ASP C 232 -19.67 3.71 36.04
CA ASP C 232 -20.03 5.02 35.51
C ASP C 232 -18.89 5.64 34.72
N SER C 233 -18.97 5.56 33.40
CA SER C 233 -17.95 6.12 32.52
C SER C 233 -17.97 7.65 32.54
N GLY C 234 -19.04 8.22 33.08
CA GLY C 234 -19.18 9.67 33.16
C GLY C 234 -18.44 10.28 34.34
N THR C 235 -18.13 9.46 35.33
CA THR C 235 -17.41 9.91 36.51
C THR C 235 -15.90 9.66 36.34
N THR C 236 -15.09 10.63 36.74
CA THR C 236 -13.65 10.52 36.60
C THR C 236 -13.03 9.56 37.63
N ASN C 237 -13.40 9.77 38.90
CA ASN C 237 -12.75 9.09 40.01
C ASN C 237 -13.27 7.72 40.37
N LEU C 238 -12.53 7.04 41.24
CA LEU C 238 -13.10 5.96 42.04
C LEU C 238 -13.69 6.63 43.28
N ARG C 239 -15.00 6.61 43.38
CA ARG C 239 -15.69 7.22 44.51
C ARG C 239 -16.13 6.13 45.49
N LEU C 240 -15.80 6.31 46.76
CA LEU C 240 -16.10 5.33 47.78
C LEU C 240 -16.97 5.91 48.88
N PRO C 241 -17.85 5.08 49.48
CA PRO C 241 -18.61 5.49 50.66
C PRO C 241 -17.66 5.92 51.78
N LYS C 242 -18.07 6.90 52.58
CA LYS C 242 -17.22 7.52 53.60
C LYS C 242 -16.36 6.52 54.38
N LYS C 243 -17.01 5.55 55.02
CA LYS C 243 -16.32 4.58 55.86
C LYS C 243 -15.24 3.82 55.08
N VAL C 244 -15.58 3.40 53.87
CA VAL C 244 -14.64 2.68 53.02
C VAL C 244 -13.51 3.58 52.57
N PHE C 245 -13.85 4.83 52.22
CA PHE C 245 -12.87 5.82 51.79
C PHE C 245 -11.86 6.06 52.90
N GLU C 246 -12.35 6.21 54.13
CA GLU C 246 -11.50 6.44 55.29
C GLU C 246 -10.55 5.27 55.52
N ALA C 247 -11.05 4.05 55.39
CA ALA C 247 -10.24 2.85 55.56
C ALA C 247 -9.15 2.76 54.49
N ALA C 248 -9.53 3.01 53.24
CA ALA C 248 -8.61 2.92 52.11
C ALA C 248 -7.51 3.97 52.19
N VAL C 249 -7.89 5.22 52.45
CA VAL C 249 -6.94 6.33 52.54
C VAL C 249 -5.96 6.09 53.68
N LYS C 250 -6.47 5.55 54.78
CA LYS C 250 -5.66 5.20 55.94
C LYS C 250 -4.58 4.18 55.55
N SER C 251 -4.97 3.23 54.70
CA SER C 251 -4.05 2.21 54.22
C SER C 251 -3.07 2.75 53.19
N ILE C 252 -3.56 3.60 52.29
CA ILE C 252 -2.70 4.15 51.24
C ILE C 252 -1.69 5.15 51.79
N LYS C 253 -2.08 5.93 52.80
CA LYS C 253 -1.14 6.82 53.46
C LYS C 253 -0.03 6.03 54.12
N ALA C 254 -0.42 4.93 54.75
CA ALA C 254 0.51 4.08 55.47
C ALA C 254 1.57 3.46 54.57
N ALA C 255 1.16 3.03 53.38
CA ALA C 255 2.07 2.39 52.46
C ALA C 255 3.08 3.38 51.88
N SER C 256 2.64 4.63 51.70
CA SER C 256 3.48 5.69 51.16
C SER C 256 4.13 6.56 52.24
N SER C 257 3.93 6.19 53.51
CA SER C 257 4.44 6.94 54.66
C SER C 257 5.90 7.43 54.61
N THR C 258 6.71 6.91 53.71
CA THR C 258 8.06 7.42 53.55
C THR C 258 8.15 8.78 52.88
N GLU C 259 7.06 9.21 52.28
CA GLU C 259 6.99 10.55 51.78
C GLU C 259 5.83 11.20 52.44
N LYS C 260 5.78 12.52 52.43
CA LYS C 260 4.66 13.22 53.02
C LYS C 260 4.00 14.17 52.06
N PHE C 261 2.71 14.33 52.23
CA PHE C 261 1.88 15.04 51.29
C PHE C 261 1.02 16.05 51.98
N PRO C 262 0.75 17.13 51.28
CA PRO C 262 0.10 18.34 51.82
C PRO C 262 -1.24 18.18 52.53
N ASP C 263 -1.73 16.95 52.72
CA ASP C 263 -3.02 16.67 53.36
C ASP C 263 -4.19 17.14 52.48
N GLY C 264 -4.02 18.24 51.78
CA GLY C 264 -4.98 18.70 50.80
C GLY C 264 -5.00 17.76 49.61
N PHE C 265 -3.90 17.03 49.47
CA PHE C 265 -3.71 16.06 48.40
C PHE C 265 -4.69 14.88 48.49
N TRP C 266 -4.89 14.39 49.71
CA TRP C 266 -5.78 13.25 49.93
C TRP C 266 -7.25 13.60 49.72
N LEU C 267 -7.56 14.90 49.71
CA LEU C 267 -8.91 15.36 49.41
C LEU C 267 -9.07 15.77 47.95
N GLY C 268 -8.01 15.58 47.17
CA GLY C 268 -8.03 15.93 45.75
C GLY C 268 -7.98 17.44 45.55
N GLU C 269 -7.60 18.16 46.59
CA GLU C 269 -7.57 19.61 46.58
C GLU C 269 -6.24 20.18 46.08
N GLN C 270 -5.15 19.50 46.38
CA GLN C 270 -3.82 19.96 45.94
C GLN C 270 -3.04 18.89 45.19
N LEU C 271 -2.19 19.33 44.28
CA LEU C 271 -1.38 18.39 43.50
C LEU C 271 -0.18 17.96 44.34
N VAL C 272 0.40 16.82 43.99
CA VAL C 272 1.70 16.47 44.51
C VAL C 272 2.63 16.38 43.31
N CYS C 273 3.86 16.85 43.47
CA CYS C 273 4.73 16.96 42.33
C CYS C 273 6.05 16.26 42.53
N TRP C 274 6.53 15.63 41.46
CA TRP C 274 7.82 14.99 41.46
C TRP C 274 8.57 15.34 40.19
N GLN C 275 9.88 15.24 40.28
CA GLN C 275 10.76 15.55 39.17
C GLN C 275 10.54 14.50 38.09
N ALA C 276 10.75 14.89 36.83
CA ALA C 276 10.42 14.00 35.72
C ALA C 276 11.16 12.67 35.84
N GLY C 277 10.42 11.58 35.66
CA GLY C 277 10.97 10.25 35.81
C GLY C 277 11.31 9.77 37.21
N THR C 278 10.93 10.53 38.24
CA THR C 278 11.33 10.24 39.62
C THR C 278 10.19 9.74 40.50
N THR C 279 8.99 9.67 39.92
CA THR C 279 7.79 9.35 40.67
C THR C 279 7.91 7.98 41.33
N PRO C 280 7.75 7.93 42.66
CA PRO C 280 7.92 6.72 43.45
C PRO C 280 6.66 5.84 43.46
N TRP C 281 6.40 5.19 42.34
CA TRP C 281 5.21 4.35 42.17
C TRP C 281 5.16 3.21 43.19
N ASN C 282 6.33 2.73 43.58
CA ASN C 282 6.43 1.53 44.41
C ASN C 282 5.94 1.71 45.85
N ILE C 283 5.83 2.96 46.30
CA ILE C 283 5.35 3.21 47.66
C ILE C 283 3.82 3.32 47.67
N PHE C 284 3.23 3.40 46.48
CA PHE C 284 1.79 3.41 46.37
C PHE C 284 1.30 2.00 46.02
N PRO C 285 0.30 1.53 46.76
CA PRO C 285 -0.21 0.15 46.68
C PRO C 285 -1.14 -0.13 45.50
N VAL C 286 -1.25 -1.40 45.15
CA VAL C 286 -2.27 -1.81 44.19
C VAL C 286 -3.57 -2.01 44.96
N ILE C 287 -4.69 -1.79 44.28
CA ILE C 287 -5.99 -2.00 44.88
C ILE C 287 -6.72 -3.08 44.12
N SER C 288 -7.22 -4.08 44.84
CA SER C 288 -7.97 -5.16 44.23
C SER C 288 -9.43 -5.04 44.60
N LEU C 289 -10.27 -4.91 43.58
CA LEU C 289 -11.72 -4.91 43.77
C LEU C 289 -12.25 -6.25 43.29
N TYR C 290 -12.83 -7.01 44.22
CA TYR C 290 -13.43 -8.29 43.88
C TYR C 290 -14.89 -8.10 43.52
N LEU C 291 -15.26 -8.60 42.35
CA LEU C 291 -16.64 -8.48 41.91
C LEU C 291 -17.28 -9.86 41.96
N MET C 292 -18.54 -9.90 42.39
CA MET C 292 -19.29 -11.15 42.48
C MET C 292 -19.44 -11.77 41.09
N GLY C 293 -19.20 -13.06 40.96
CA GLY C 293 -19.35 -13.66 39.64
C GLY C 293 -20.79 -14.04 39.45
N GLU C 294 -21.10 -14.67 38.32
CA GLU C 294 -22.47 -15.07 38.05
C GLU C 294 -22.71 -16.32 38.87
N VAL C 295 -21.62 -17.05 39.11
CA VAL C 295 -21.56 -18.15 40.05
C VAL C 295 -20.50 -17.74 41.07
N THR C 296 -20.86 -17.71 42.35
CA THR C 296 -19.97 -17.13 43.37
C THR C 296 -18.64 -17.87 43.61
N ASN C 297 -18.41 -19.00 42.94
CA ASN C 297 -17.08 -19.59 43.05
C ASN C 297 -16.32 -19.29 41.77
N GLN C 298 -16.89 -18.39 40.98
CA GLN C 298 -16.27 -17.91 39.76
C GLN C 298 -16.23 -16.38 39.82
N SER C 299 -16.09 -15.84 41.02
CA SER C 299 -15.91 -14.41 41.15
C SER C 299 -14.53 -14.04 40.62
N PHE C 300 -14.25 -12.75 40.57
CA PHE C 300 -12.96 -12.29 40.11
C PHE C 300 -12.54 -10.97 40.72
N ARG C 301 -11.28 -10.62 40.53
CA ARG C 301 -10.78 -9.35 41.03
C ARG C 301 -10.18 -8.54 39.88
N ILE C 302 -10.35 -7.24 39.96
CA ILE C 302 -9.64 -6.34 39.06
C ILE C 302 -8.63 -5.57 39.91
N THR C 303 -7.40 -5.50 39.44
CA THR C 303 -6.34 -4.86 40.20
C THR C 303 -5.98 -3.52 39.57
N ILE C 304 -5.99 -2.48 40.39
CA ILE C 304 -5.73 -1.14 39.90
C ILE C 304 -4.37 -0.65 40.39
N LEU C 305 -3.60 -0.06 39.48
CA LEU C 305 -2.27 0.46 39.79
C LEU C 305 -2.36 1.92 40.22
N PRO C 306 -1.33 2.40 40.93
CA PRO C 306 -1.25 3.83 41.26
C PRO C 306 -1.28 4.73 40.03
N GLN C 307 -0.84 4.22 38.89
CA GLN C 307 -0.89 4.98 37.64
C GLN C 307 -2.31 5.28 37.20
N GLN C 308 -3.28 4.58 37.79
CA GLN C 308 -4.68 4.79 37.45
C GLN C 308 -5.33 5.79 38.39
N TYR C 309 -5.08 5.66 39.69
CA TYR C 309 -5.74 6.56 40.65
C TYR C 309 -4.88 7.77 41.03
N LEU C 310 -3.68 7.87 40.47
CA LEU C 310 -2.93 9.12 40.55
C LEU C 310 -2.96 9.78 39.18
N ARG C 311 -4.00 10.56 38.95
CA ARG C 311 -4.24 11.14 37.64
C ARG C 311 -3.33 12.34 37.36
N PRO C 312 -2.59 12.28 36.25
CA PRO C 312 -1.64 13.31 35.81
C PRO C 312 -2.31 14.62 35.41
N VAL C 313 -1.72 15.74 35.79
CA VAL C 313 -2.26 17.06 35.48
C VAL C 313 -1.21 17.94 34.80
N ASP C 322 6.72 16.18 37.19
CA ASP C 322 5.47 15.44 37.04
C ASP C 322 4.53 15.68 38.22
N CYS C 323 3.30 16.09 37.90
CA CYS C 323 2.32 16.44 38.91
C CYS C 323 1.09 15.56 38.79
N TYR C 324 0.52 15.17 39.93
CA TYR C 324 -0.61 14.25 39.93
C TYR C 324 -1.72 14.70 40.86
N LYS C 325 -2.92 14.20 40.63
CA LYS C 325 -4.02 14.43 41.54
C LYS C 325 -4.58 13.09 42.01
N PHE C 326 -4.85 13.00 43.31
CA PHE C 326 -5.41 11.79 43.90
C PHE C 326 -6.85 11.62 43.41
N ALA C 327 -7.10 10.55 42.67
CA ALA C 327 -8.39 10.35 42.01
C ALA C 327 -9.25 9.32 42.72
N ILE C 328 -9.06 9.20 44.04
CA ILE C 328 -9.97 8.44 44.88
C ILE C 328 -10.61 9.43 45.85
N SER C 329 -11.94 9.50 45.83
CA SER C 329 -12.62 10.49 46.63
C SER C 329 -13.84 9.90 47.34
N GLN C 330 -14.43 10.70 48.23
CA GLN C 330 -15.51 10.23 49.07
C GLN C 330 -16.86 10.37 48.38
N SER C 331 -17.80 9.51 48.74
CA SER C 331 -19.14 9.55 48.18
C SER C 331 -20.19 9.27 49.25
N SER C 332 -21.35 9.88 49.10
CA SER C 332 -22.49 9.58 49.95
C SER C 332 -23.65 9.03 49.13
N THR C 333 -23.33 8.59 47.91
CA THR C 333 -24.31 7.98 47.02
C THR C 333 -23.86 6.61 46.56
N GLY C 334 -22.97 5.99 47.33
CA GLY C 334 -22.47 4.67 47.03
C GLY C 334 -21.15 4.66 46.28
N THR C 335 -20.69 3.47 45.94
CA THR C 335 -19.44 3.31 45.20
C THR C 335 -19.64 3.63 43.73
N VAL C 336 -18.79 4.50 43.20
CA VAL C 336 -18.82 4.82 41.79
C VAL C 336 -17.50 4.41 41.14
N MET C 337 -17.55 3.39 40.30
CA MET C 337 -16.36 2.95 39.57
C MET C 337 -16.26 3.77 38.28
N GLY C 338 -15.47 4.84 38.33
CA GLY C 338 -15.37 5.76 37.22
C GLY C 338 -14.29 5.42 36.21
N ALA C 339 -13.89 6.43 35.44
CA ALA C 339 -12.91 6.26 34.37
C ALA C 339 -11.59 5.72 34.89
N VAL C 340 -11.23 6.14 36.10
CA VAL C 340 -10.00 5.69 36.76
C VAL C 340 -9.96 4.18 36.90
N ILE C 341 -11.11 3.57 37.15
CA ILE C 341 -11.22 2.12 37.24
C ILE C 341 -11.29 1.49 35.85
N MET C 342 -12.11 2.07 34.98
CA MET C 342 -12.39 1.49 33.67
C MET C 342 -11.21 1.55 32.67
N GLU C 343 -10.29 2.49 32.89
CA GLU C 343 -9.21 2.73 31.94
C GLU C 343 -8.29 1.55 31.63
N GLY C 344 -7.92 0.78 32.64
CA GLY C 344 -7.05 -0.35 32.41
C GLY C 344 -7.75 -1.54 31.77
N PHE C 345 -9.07 -1.44 31.60
CA PHE C 345 -9.85 -2.60 31.20
C PHE C 345 -10.76 -2.43 29.99
N TYR C 346 -11.12 -3.57 29.39
CA TYR C 346 -12.17 -3.62 28.37
C TYR C 346 -13.46 -4.05 29.06
N VAL C 347 -14.43 -3.15 29.08
CA VAL C 347 -15.66 -3.39 29.84
C VAL C 347 -16.84 -3.65 28.92
N VAL C 348 -17.45 -4.83 29.06
CA VAL C 348 -18.57 -5.20 28.23
C VAL C 348 -19.88 -5.01 28.98
N PHE C 349 -20.76 -4.19 28.43
CA PHE C 349 -22.07 -3.98 29.03
C PHE C 349 -23.07 -4.88 28.32
N ASP C 350 -23.11 -6.13 28.77
CA ASP C 350 -23.98 -7.16 28.18
C ASP C 350 -25.40 -7.05 28.72
N ARG C 351 -26.15 -6.09 28.17
CA ARG C 351 -27.53 -5.86 28.59
C ARG C 351 -28.41 -7.08 28.31
N ALA C 352 -28.10 -7.79 27.22
CA ALA C 352 -28.89 -8.94 26.82
C ALA C 352 -28.87 -10.05 27.87
N ARG C 353 -27.73 -10.24 28.53
CA ARG C 353 -27.63 -11.29 29.53
C ARG C 353 -27.46 -10.72 30.93
N LYS C 354 -27.79 -9.43 31.09
CA LYS C 354 -27.81 -8.76 32.39
C LYS C 354 -26.51 -8.95 33.19
N ARG C 355 -25.39 -8.66 32.54
CA ARG C 355 -24.09 -8.87 33.16
C ARG C 355 -23.04 -7.91 32.59
N ILE C 356 -21.98 -7.70 33.35
CA ILE C 356 -20.88 -6.86 32.90
C ILE C 356 -19.57 -7.63 32.87
N GLY C 357 -18.89 -7.58 31.72
CA GLY C 357 -17.63 -8.28 31.54
C GLY C 357 -16.40 -7.40 31.68
N PHE C 358 -15.37 -7.94 32.31
CA PHE C 358 -14.09 -7.27 32.47
C PHE C 358 -12.94 -8.09 31.89
N ALA C 359 -12.04 -7.40 31.19
CA ALA C 359 -10.84 -8.04 30.66
C ALA C 359 -9.73 -6.99 30.59
N VAL C 360 -8.48 -7.45 30.64
CA VAL C 360 -7.35 -6.55 30.50
C VAL C 360 -7.38 -5.89 29.12
N SER C 361 -7.36 -4.55 29.11
CA SER C 361 -7.45 -3.81 27.86
C SER C 361 -6.15 -3.87 27.07
N ALA C 362 -6.25 -3.67 25.76
CA ALA C 362 -5.05 -3.63 24.93
C ALA C 362 -4.26 -2.34 25.21
N CYS C 363 -4.96 -1.29 25.65
CA CYS C 363 -4.28 -0.10 26.11
C CYS C 363 -4.16 -0.08 27.64
N HIS C 364 -3.73 -1.19 28.19
CA HIS C 364 -3.58 -1.27 29.62
C HIS C 364 -2.38 -0.60 30.11
N VAL C 365 -2.31 -0.46 31.40
CA VAL C 365 -1.30 0.34 32.03
C VAL C 365 -0.38 -0.63 32.72
N HIS C 366 0.91 -0.50 32.52
CA HIS C 366 1.82 -1.34 33.30
C HIS C 366 3.13 -0.78 33.65
N ASP C 367 3.49 -1.08 34.89
CA ASP C 367 4.73 -0.80 35.53
C ASP C 367 5.76 -1.77 35.05
N GLU C 368 7.00 -1.44 35.32
CA GLU C 368 8.09 -2.39 35.13
C GLU C 368 7.85 -3.58 36.01
N PHE C 369 7.35 -3.38 37.21
CA PHE C 369 7.19 -4.47 38.14
C PHE C 369 5.78 -5.03 38.37
N ARG C 370 4.75 -4.28 38.06
CA ARG C 370 3.39 -4.65 38.38
C ARG C 370 2.52 -4.37 37.21
N THR C 371 1.41 -5.05 37.16
CA THR C 371 0.48 -4.90 36.05
C THR C 371 -0.98 -4.95 36.48
N ALA C 372 -1.82 -4.18 35.78
CA ALA C 372 -3.26 -4.26 35.96
C ALA C 372 -3.74 -5.62 35.50
N ALA C 373 -4.70 -6.20 36.21
CA ALA C 373 -5.11 -7.57 35.94
C ALA C 373 -6.60 -7.83 36.18
N VAL C 374 -7.11 -8.83 35.47
CA VAL C 374 -8.41 -9.41 35.78
C VAL C 374 -8.15 -10.88 36.04
N GLU C 375 -8.36 -11.30 37.28
CA GLU C 375 -7.96 -12.64 37.71
C GLU C 375 -9.11 -13.40 38.37
N GLY C 376 -9.14 -14.70 38.12
CA GLY C 376 -10.13 -15.57 38.70
C GLY C 376 -9.77 -17.02 38.44
N PRO C 377 -10.57 -17.96 38.96
CA PRO C 377 -11.76 -17.66 39.76
C PRO C 377 -11.47 -17.43 41.24
N PHE C 378 -12.37 -16.73 41.92
CA PHE C 378 -12.34 -16.64 43.36
C PHE C 378 -13.69 -17.12 43.91
N VAL C 379 -13.69 -17.68 45.12
CA VAL C 379 -14.94 -18.02 45.76
C VAL C 379 -15.20 -16.93 46.80
N THR C 380 -16.36 -16.29 46.71
CA THR C 380 -16.66 -15.18 47.61
C THR C 380 -18.05 -15.21 48.23
N LEU C 381 -18.41 -14.09 48.85
CA LEU C 381 -19.73 -13.93 49.46
C LEU C 381 -20.69 -13.56 48.32
N ASP C 382 -21.98 -13.83 48.52
CA ASP C 382 -22.96 -13.55 47.47
C ASP C 382 -23.69 -12.22 47.61
N MET C 383 -24.73 -12.05 46.80
CA MET C 383 -25.48 -10.80 46.73
C MET C 383 -26.23 -10.50 48.03
N GLU C 384 -26.79 -11.53 48.67
CA GLU C 384 -27.48 -11.32 49.93
C GLU C 384 -26.54 -10.94 51.06
N ASP C 385 -25.32 -11.47 51.03
CA ASP C 385 -24.33 -11.11 52.04
C ASP C 385 -23.77 -9.71 51.88
N CYS C 386 -23.72 -9.23 50.64
CA CYS C 386 -23.03 -7.98 50.35
C CYS C 386 -23.92 -6.89 49.78
N GLY C 387 -25.06 -7.28 49.25
CA GLY C 387 -25.99 -6.32 48.69
C GLY C 387 -26.74 -5.51 49.73
N TYR C 388 -26.73 -4.20 49.54
CA TYR C 388 -27.49 -3.30 50.40
C TYR C 388 -28.95 -3.28 49.93
N ASN C 389 -29.88 -3.22 50.87
CA ASN C 389 -31.28 -3.09 50.52
C ASN C 389 -31.89 -1.77 51.00
C10 L4J D . 18.68 -13.25 -24.08
C11 L4J D . 19.15 -12.91 -22.81
C12 L4J D . 18.72 -11.74 -22.20
C13 L4J D . 17.84 -10.88 -22.83
C14 L4J D . 17.36 -11.18 -24.11
O01 L4J D . 13.16 -11.79 -22.51
C02 L4J D . 13.92 -12.52 -23.15
C03 L4J D . 13.91 -14.01 -22.89
C04 L4J D . 15.05 -14.76 -23.15
C05 L4J D . 15.08 -16.14 -22.90
C06 L4J D . 16.34 -16.90 -23.23
C07 L4J D . 17.62 -16.04 -23.31
C08 L4J D . 18.11 -15.69 -24.73
C09 L4J D . 19.13 -14.52 -24.76
C15 L4J D . 16.39 -10.25 -24.80
C16 L4J D . 14.93 -10.50 -24.36
C17 L4J D . 13.84 -9.96 -25.35
N18 L4J D . 12.49 -10.11 -24.72
C19 L4J D . 11.63 -8.92 -24.58
C20 L4J D . 12.17 -7.94 -23.51
N21 L4J D . 12.37 -6.63 -23.90
C22 L4J D . 12.88 -5.61 -22.97
C23 L4J D . 11.92 -4.41 -22.86
C24 L4J D . 12.30 -3.45 -21.73
C25 L4J D . 11.84 -3.64 -24.18
O26 L4J D . 12.42 -8.32 -22.36
C27 L4J D . 10.15 -9.28 -24.29
C28 L4J D . 9.21 -8.11 -24.07
C29 L4J D . 7.76 -8.53 -23.77
C30 L4J D . 6.85 -7.34 -23.51
N31 L4J D . 14.78 -11.93 -24.07
C32 L4J D . 17.78 -12.37 -24.72
C33 L4J D . 13.95 -16.77 -22.39
C34 L4J D . 12.79 -16.04 -22.10
N35 L4J D . 11.61 -16.71 -21.55
C36 L4J D . 10.89 -16.16 -20.36
C37 L4J D . 11.76 -15.89 -19.09
C38 L4J D . 12.85 -16.94 -18.82
S39 L4J D . 11.06 -18.11 -22.26
O40 L4J D . 9.66 -18.13 -22.02
C41 L4J D . 11.73 -19.42 -21.45
O42 L4J D . 11.56 -18.16 -23.58
C43 L4J D . 12.79 -14.66 -22.36
S SO4 E . 5.79 -11.69 -17.57
O1 SO4 E . 4.91 -12.87 -17.68
O2 SO4 E . 6.72 -11.69 -18.70
O3 SO4 E . 4.98 -10.48 -17.58
O4 SO4 E . 6.53 -11.76 -16.32
S SO4 F . 9.77 -21.20 -54.94
O1 SO4 F . 9.48 -20.58 -56.24
O2 SO4 F . 10.52 -22.44 -55.14
O3 SO4 F . 8.52 -21.50 -54.27
O4 SO4 F . 10.56 -20.28 -54.13
C10 L4J G . -3.15 2.27 0.37
C11 L4J G . -4.26 1.69 0.99
C12 L4J G . -4.37 1.70 2.37
C13 L4J G . -3.38 2.29 3.17
C14 L4J G . -2.26 2.86 2.56
O01 L4J G . -3.48 7.09 3.88
C02 L4J G . -3.26 6.56 2.80
C03 L4J G . -4.01 7.03 1.56
C04 L4J G . -4.18 6.16 0.49
C05 L4J G . -4.88 6.56 -0.65
C06 L4J G . -5.03 5.58 -1.80
C07 L4J G . -4.76 4.11 -1.43
C08 L4J G . -3.38 3.57 -1.83
C09 L4J G . -3.01 2.27 -1.12
C15 L4J G . -1.19 3.51 3.41
C16 L4J G . -1.58 4.93 3.83
C17 L4J G . -0.35 5.80 4.31
N18 L4J G . -0.84 7.14 4.72
C19 L4J G . -0.50 7.64 6.05
C20 L4J G . -1.30 6.93 7.15
N21 L4J G . -0.60 6.38 8.21
C22 L4J G . -1.29 5.69 9.31
C23 L4J G . -0.37 5.39 10.52
C24 L4J G . -1.15 5.22 11.82
C25 L4J G . 0.68 6.47 10.71
O26 L4J G . -2.53 6.85 7.11
C27 L4J G . -0.71 9.16 6.13
C28 L4J G . -0.44 9.79 7.49
C29 L4J G . -0.75 11.30 7.53
C30 L4J G . -0.83 11.82 8.95
N31 L4J G . -2.34 5.52 2.72
C32 L4J G . -2.15 2.86 1.17
C33 L4J G . -5.41 7.84 -0.74
C34 L4J G . -5.26 8.74 0.32
N35 L4J G . -5.83 10.07 0.23
C36 L4J G . -6.61 10.63 1.35
C37 L4J G . -7.82 9.77 1.83
C38 L4J G . -8.62 9.12 0.70
S39 L4J G . -5.62 10.98 -1.16
O40 L4J G . -5.73 12.34 -0.77
C41 L4J G . -6.91 10.65 -2.20
O42 L4J G . -4.46 10.52 -1.83
C43 L4J G . -4.56 8.32 1.47
S SO4 H . 12.21 -9.08 16.45
O1 SO4 H . 12.65 -10.15 17.34
O2 SO4 H . 11.31 -9.63 15.44
O3 SO4 H . 13.37 -8.49 15.79
O4 SO4 H . 11.51 -8.05 17.22
S SO4 I . 9.75 1.20 -14.84
O1 SO4 I . 8.68 0.22 -14.71
O2 SO4 I . 10.76 0.68 -15.78
O3 SO4 I . 9.21 2.44 -15.37
O4 SO4 I . 10.36 1.42 -13.54
S SO4 J . -7.73 14.09 7.33
O1 SO4 J . -8.20 13.17 6.31
O2 SO4 J . -6.75 13.41 8.18
O3 SO4 J . -8.85 14.53 8.14
O4 SO4 J . -7.09 15.25 6.70
C10 L4J K . -19.22 15.06 32.75
C11 L4J K . -19.81 16.29 33.02
C12 L4J K . -21.11 16.36 33.49
C13 L4J K . -21.85 15.20 33.70
C14 L4J K . -21.30 13.96 33.41
O01 L4J K . -21.28 12.77 37.86
C02 L4J K . -20.42 12.90 36.99
C03 L4J K . -19.05 13.34 37.40
C04 L4J K . -18.20 13.94 36.46
C05 L4J K . -16.91 14.36 36.82
C06 L4J K . -16.03 14.99 35.77
C07 L4J K . -16.77 15.54 34.53
C08 L4J K . -16.73 14.64 33.28
C09 L4J K . -17.80 14.97 32.23
C15 L4J K . -22.09 12.70 33.65
C16 L4J K . -22.07 12.28 35.13
C17 L4J K . -22.47 10.76 35.39
N18 L4J K . -22.47 10.49 36.85
C19 L4J K . -23.68 9.98 37.49
C20 L4J K . -24.81 11.02 37.52
N21 L4J K . -26.05 10.64 37.03
C22 L4J K . -27.19 11.57 37.02
C23 L4J K . -28.51 10.92 36.55
C24 L4J K . -29.74 11.65 37.06
C25 L4J K . -28.59 9.46 36.97
O26 L4J K . -24.62 12.15 37.96
C27 L4J K . -23.39 9.50 38.94
C28 L4J K . -24.54 8.76 39.63
C29 L4J K . -24.22 8.36 41.08
C30 L4J K . -25.43 7.77 41.79
N31 L4J K . -20.75 12.65 35.67
C32 L4J K . -19.98 13.90 32.96
C33 L4J K . -16.48 14.19 38.13
C34 L4J K . -17.32 13.60 39.10
N35 L4J K . -16.87 13.44 40.46
C36 L4J K . -17.77 13.69 41.62
C37 L4J K . -18.04 15.18 42.03
C38 L4J K . -17.45 16.24 41.11
S39 L4J K . -15.33 12.92 40.77
O40 L4J K . -15.37 12.32 42.05
C41 L4J K . -14.33 14.27 40.87
O42 L4J K . -14.89 12.18 39.63
C43 L4J K . -18.59 13.18 38.70
#